data_4JPW
#
_entry.id   4JPW
#
_cell.length_a   61.975
_cell.length_b   65.987
_cell.length_c   213.023
_cell.angle_alpha   90.00
_cell.angle_beta   90.00
_cell.angle_gamma   90.00
#
_symmetry.space_group_name_H-M   'P 21 21 21'
#
loop_
_entity.id
_entity.type
_entity.pdbx_description
1 polymer 'HIV-1 CLADE A/E STRAIN 73TH057 GP120 WITH MUTATION H375S'
2 polymer 'HEAVY CHAIN OF ANTIBODY 12A21'
3 polymer 'LIGHT CHAIN OF ANTIBODY 12A21'
4 non-polymer 2-acetamido-2-deoxy-beta-D-glucopyranose
5 non-polymer '4-(2-HYDROXYETHYL)-1-PIPERAZINE ETHANESULFONIC ACID'
6 water water
#
loop_
_entity_poly.entity_id
_entity_poly.type
_entity_poly.pdbx_seq_one_letter_code
_entity_poly.pdbx_strand_id
1 'polypeptide(L)'
;VWKDADTTLFCASDAKAHETEVHNVWATHACVPTDPNPQEIHLENVTENFNMWKNNMVEQMQEDVISLWDQSLQPCVKLT
GGSVIKQACPKISFDPIPIHYCTPAGYVILKCNDKNFNGTGPCKNVSSVQCTHGIKPVVSTQLLLNGSLAEEEIIIRSEN
LTNNAKTIIVHLNKSVEINCTRPSNGGSGSGGDIRKAYCEINGTKWNKVLKQVTEKLKEHFNNKTIIFQPPSGGDLEITM
HSFNCRGEFFYCNTTQLFNNTCIGNETMKGCNGTITLPCKIKQIINMWQGTGQAMYAPPIDGKINCVSNITGILLTRDGG
ANNTSNETFRPGGGNIKDNWRSELYKYKVVQIE
;
G
2 'polypeptide(L)'
;SQHLVQSGTQVKKPGASVRVSCQASGYTFTNYILHWWRQAPGQGLEWMGLIKPVFGAVNYARQFQGRIQLTRDIYREIAF
LDLSGLRSDDTAVYYCARDESGDDLKWHLHPWGQGTQVIVSPASTKGPSVFPLAPSSKSTSGGTAALGCLVKDYFPEPVT
VSWNSGALTSGVHTFPAVLQSSGLYSLSSVVTVPSSSLGTQTYICNVNHKPSNTKVDKKVEPKSC
;
H
3 'polypeptide(L)'
;DIQMTQSPSSLSASVGDRVTINCQAGQGIGSSLNWYQKKPGRAPKLLVHGASNLQRGVPSRFSGSGFHTTFTLTISSLQP
DDVATYFCAVFQWFGPGTKVDIKRTVAAPSVFIFPPSDEQLKSGTASVVCLLNNFYPREAKVQWKVDNALQSGNSQESVT
EQDSKDSTYSLSSTLTLSKADYEKHKVYACEVTHQGLRSPVTKSFNRGEC
;
L
#
# COMPACT_ATOMS: atom_id res chain seq x y z
N VAL A 1 -22.73 37.44 -0.01
CA VAL A 1 -21.35 37.21 0.41
C VAL A 1 -21.27 36.18 1.52
N TRP A 2 -20.44 35.15 1.31
CA TRP A 2 -20.31 34.07 2.28
C TRP A 2 -19.00 33.31 2.08
N LYS A 3 -18.74 32.37 2.99
CA LYS A 3 -17.55 31.52 2.88
C LYS A 3 -17.90 30.12 3.37
N ASP A 4 -17.08 29.14 3.02
CA ASP A 4 -17.28 27.78 3.49
C ASP A 4 -16.94 27.68 4.97
N ALA A 5 -17.71 26.87 5.70
CA ALA A 5 -17.49 26.70 7.14
C ALA A 5 -18.09 25.39 7.65
N ASP A 6 -17.64 24.98 8.83
CA ASP A 6 -18.19 23.81 9.50
C ASP A 6 -18.81 24.22 10.83
N THR A 7 -19.98 23.67 11.13
CA THR A 7 -20.66 23.96 12.38
C THR A 7 -21.47 22.77 12.85
N THR A 8 -21.75 22.73 14.16
CA THR A 8 -22.56 21.66 14.72
C THR A 8 -24.01 21.81 14.27
N LEU A 9 -24.50 20.84 13.52
CA LEU A 9 -25.85 20.89 12.98
C LEU A 9 -26.88 20.31 13.94
N PHE A 10 -28.14 20.38 13.53
CA PHE A 10 -29.23 19.74 14.25
C PHE A 10 -30.18 19.11 13.25
N CYS A 11 -30.84 18.04 13.66
CA CYS A 11 -31.71 17.30 12.75
C CYS A 11 -33.19 17.55 13.00
N ALA A 12 -33.99 17.33 11.96
CA ALA A 12 -35.44 17.50 12.06
C ALA A 12 -36.14 16.31 11.39
N SER A 13 -37.33 15.98 11.88
CA SER A 13 -38.07 14.85 11.33
C SER A 13 -39.55 14.96 11.65
N ASP A 14 -40.34 14.04 11.10
CA ASP A 14 -41.76 13.97 11.39
C ASP A 14 -42.07 12.71 12.21
N ALA A 15 -41.14 12.36 13.09
CA ALA A 15 -41.29 11.18 13.93
C ALA A 15 -42.36 11.39 14.99
N LYS A 16 -43.11 10.34 15.29
CA LYS A 16 -44.14 10.39 16.32
C LYS A 16 -43.57 9.99 17.66
N ALA A 17 -44.02 10.66 18.72
CA ALA A 17 -43.47 10.44 20.06
C ALA A 17 -44.08 9.22 20.75
N HIS A 18 -45.01 8.55 20.06
CA HIS A 18 -45.70 7.40 20.64
C HIS A 18 -45.23 6.09 20.01
N GLU A 19 -44.58 6.18 18.85
CA GLU A 19 -44.17 5.01 18.11
C GLU A 19 -43.06 4.25 18.83
N THR A 20 -43.12 2.93 18.78
CA THR A 20 -42.13 2.07 19.44
C THR A 20 -40.99 1.71 18.50
N GLU A 21 -41.13 2.07 17.23
CA GLU A 21 -40.09 1.83 16.25
C GLU A 21 -38.85 2.65 16.60
N VAL A 22 -37.67 2.04 16.43
CA VAL A 22 -36.42 2.61 16.94
C VAL A 22 -36.02 3.94 16.31
N HIS A 23 -36.23 4.10 15.00
CA HIS A 23 -35.89 5.35 14.33
C HIS A 23 -36.75 6.50 14.82
N ASN A 24 -38.04 6.23 15.00
CA ASN A 24 -38.95 7.24 15.53
C ASN A 24 -38.59 7.63 16.96
N VAL A 25 -38.24 6.64 17.77
CA VAL A 25 -37.85 6.86 19.16
C VAL A 25 -36.64 7.78 19.26
N TRP A 26 -35.59 7.44 18.51
CA TRP A 26 -34.37 8.23 18.50
C TRP A 26 -34.60 9.65 18.00
N ALA A 27 -35.31 9.76 16.87
CA ALA A 27 -35.57 11.07 16.27
C ALA A 27 -36.45 11.96 17.15
N THR A 28 -37.19 11.34 18.06
CA THR A 28 -38.04 12.08 18.97
C THR A 28 -37.22 12.87 19.99
N HIS A 29 -36.16 12.24 20.50
CA HIS A 29 -35.36 12.86 21.57
C HIS A 29 -34.08 13.52 21.05
N ALA A 30 -33.72 13.24 19.81
CA ALA A 30 -32.48 13.76 19.24
C ALA A 30 -32.71 14.86 18.21
N CYS A 31 -33.92 14.91 17.66
CA CYS A 31 -34.23 15.87 16.60
C CYS A 31 -35.38 16.80 16.99
N VAL A 32 -35.64 17.78 16.12
CA VAL A 32 -36.73 18.73 16.31
C VAL A 32 -37.81 18.47 15.27
N PRO A 33 -39.01 19.04 15.46
CA PRO A 33 -40.04 18.90 14.42
C PRO A 33 -39.64 19.54 13.09
N THR A 34 -40.24 19.08 12.01
CA THR A 34 -39.93 19.59 10.68
C THR A 34 -40.59 20.95 10.45
N ASP A 35 -39.86 21.86 9.83
CA ASP A 35 -40.35 23.20 9.50
C ASP A 35 -41.58 23.12 8.59
N PRO A 36 -42.73 23.61 9.09
CA PRO A 36 -43.99 23.60 8.35
C PRO A 36 -43.89 24.38 7.05
N ASN A 37 -43.22 25.53 7.10
CA ASN A 37 -43.03 26.35 5.91
C ASN A 37 -41.54 26.57 5.62
N PRO A 38 -40.93 25.62 4.91
CA PRO A 38 -39.51 25.71 4.56
C PRO A 38 -39.26 26.79 3.52
N GLN A 39 -38.12 27.47 3.64
CA GLN A 39 -37.79 28.55 2.72
C GLN A 39 -36.64 28.16 1.80
N GLU A 40 -36.78 28.50 0.52
CA GLU A 40 -35.73 28.24 -0.46
C GLU A 40 -35.57 29.46 -1.37
N ILE A 41 -34.35 29.99 -1.40
CA ILE A 41 -34.07 31.20 -2.18
C ILE A 41 -33.08 30.93 -3.29
N HIS A 42 -33.50 31.14 -4.53
CA HIS A 42 -32.60 30.98 -5.67
C HIS A 42 -31.59 32.12 -5.73
N LEU A 43 -30.40 31.82 -6.23
CA LEU A 43 -29.32 32.81 -6.29
C LEU A 43 -28.82 32.99 -7.72
N GLU A 44 -29.34 34.00 -8.40
CA GLU A 44 -28.96 34.25 -9.79
C GLU A 44 -27.51 34.69 -9.93
N ASN A 45 -26.92 34.40 -11.10
CA ASN A 45 -25.54 34.76 -11.40
C ASN A 45 -24.50 34.15 -10.45
N VAL A 46 -24.96 33.27 -9.55
CA VAL A 46 -24.07 32.67 -8.56
C VAL A 46 -23.56 31.31 -9.02
N THR A 47 -22.24 31.21 -9.17
CA THR A 47 -21.61 29.96 -9.56
C THR A 47 -20.72 29.47 -8.42
N GLU A 48 -21.28 28.60 -7.58
CA GLU A 48 -20.58 28.10 -6.41
C GLU A 48 -20.02 26.70 -6.66
N ASN A 49 -18.89 26.40 -6.03
CA ASN A 49 -18.26 25.09 -6.16
C ASN A 49 -18.60 24.16 -5.01
N PHE A 50 -18.88 22.89 -5.33
CA PHE A 50 -19.17 21.90 -4.32
C PHE A 50 -18.13 20.78 -4.34
N ASN A 51 -18.06 20.02 -3.26
CA ASN A 51 -17.17 18.86 -3.19
C ASN A 51 -17.71 17.82 -2.22
N MET A 52 -18.44 16.85 -2.77
CA MET A 52 -19.12 15.84 -1.96
C MET A 52 -18.15 14.95 -1.19
N TRP A 53 -16.90 14.93 -1.62
CA TRP A 53 -15.90 14.05 -1.01
C TRP A 53 -15.21 14.72 0.17
N LYS A 54 -15.44 16.01 0.33
CA LYS A 54 -15.02 16.74 1.52
C LYS A 54 -16.17 17.60 2.03
N ASN A 55 -17.17 16.94 2.61
CA ASN A 55 -18.33 17.62 3.16
C ASN A 55 -18.58 17.16 4.59
N ASN A 56 -18.40 18.07 5.55
CA ASN A 56 -18.52 17.72 6.97
C ASN A 56 -19.93 17.29 7.37
N MET A 57 -20.90 17.54 6.49
CA MET A 57 -22.25 17.08 6.72
C MET A 57 -22.27 15.55 6.77
N VAL A 58 -21.43 14.94 5.93
CA VAL A 58 -21.31 13.49 5.87
C VAL A 58 -20.80 12.93 7.20
N GLU A 59 -19.78 13.57 7.75
CA GLU A 59 -19.15 13.12 8.99
C GLU A 59 -20.13 13.25 10.16
N GLN A 60 -21.02 14.23 10.07
CA GLN A 60 -21.96 14.48 11.16
C GLN A 60 -23.18 13.57 11.10
N MET A 61 -23.59 13.20 9.90
CA MET A 61 -24.69 12.25 9.74
C MET A 61 -24.26 10.87 10.21
N GLN A 62 -23.03 10.50 9.88
CA GLN A 62 -22.46 9.23 10.31
C GLN A 62 -22.53 9.11 11.82
N GLU A 63 -22.12 10.16 12.52
CA GLU A 63 -22.13 10.19 13.97
C GLU A 63 -23.54 9.97 14.53
N ASP A 64 -24.55 10.52 13.87
CA ASP A 64 -25.94 10.33 14.27
C ASP A 64 -26.37 8.88 14.13
N VAL A 65 -26.06 8.30 12.98
CA VAL A 65 -26.41 6.91 12.71
C VAL A 65 -25.69 5.97 13.68
N ILE A 66 -24.43 6.26 13.95
CA ILE A 66 -23.67 5.52 14.96
C ILE A 66 -24.41 5.55 16.29
N SER A 67 -24.84 6.74 16.67
CA SER A 67 -25.58 6.95 17.91
C SER A 67 -26.91 6.20 17.89
N LEU A 68 -27.58 6.23 16.73
CA LEU A 68 -28.88 5.60 16.57
C LEU A 68 -28.78 4.09 16.82
N TRP A 69 -27.89 3.44 16.08
CA TRP A 69 -27.73 2.00 16.17
C TRP A 69 -27.24 1.54 17.54
N ASP A 70 -26.35 2.33 18.15
CA ASP A 70 -25.76 1.96 19.43
C ASP A 70 -26.80 1.78 20.54
N GLN A 71 -27.82 2.64 20.54
CA GLN A 71 -28.82 2.61 21.59
C GLN A 71 -30.16 2.01 21.13
N SER A 72 -30.20 1.50 19.92
CA SER A 72 -31.42 0.88 19.40
C SER A 72 -31.31 -0.63 19.35
N LEU A 73 -30.34 -1.13 18.58
CA LEU A 73 -30.15 -2.56 18.42
C LEU A 73 -29.41 -3.16 19.61
N GLN A 74 -30.12 -3.98 20.38
CA GLN A 74 -29.52 -4.65 21.54
C GLN A 74 -29.26 -6.13 21.23
N PRO A 75 -28.00 -6.47 20.96
CA PRO A 75 -27.64 -7.87 20.70
C PRO A 75 -27.59 -8.67 21.99
N CYS A 76 -27.64 -9.99 21.87
CA CYS A 76 -27.54 -10.87 23.04
C CYS A 76 -26.13 -10.81 23.62
N VAL A 77 -25.15 -11.09 22.78
CA VAL A 77 -23.75 -11.05 23.19
C VAL A 77 -22.98 -10.06 22.31
N LYS A 78 -22.05 -9.34 22.92
CA LYS A 78 -21.25 -8.35 22.20
C LYS A 78 -19.78 -8.77 22.19
N LEU A 79 -19.31 -9.26 21.05
CA LEU A 79 -17.93 -9.72 20.91
C LEU A 79 -16.98 -8.59 20.57
N THR A 80 -16.69 -7.73 21.55
CA THR A 80 -15.78 -6.62 21.33
C THR A 80 -14.54 -6.75 22.21
N GLY A 81 -13.38 -6.82 21.58
CA GLY A 81 -12.13 -7.01 22.31
C GLY A 81 -12.07 -8.39 22.93
N GLY A 82 -11.32 -8.51 24.02
CA GLY A 82 -11.22 -9.77 24.74
C GLY A 82 -12.44 -10.03 25.60
N SER A 83 -13.13 -8.95 25.98
CA SER A 83 -14.30 -9.05 26.84
C SER A 83 -15.57 -9.36 26.03
N VAL A 84 -16.47 -10.14 26.65
CA VAL A 84 -17.76 -10.43 26.06
C VAL A 84 -18.86 -9.85 26.95
N ILE A 85 -19.92 -9.33 26.34
CA ILE A 85 -20.98 -8.68 27.09
C ILE A 85 -22.35 -9.32 26.81
N LYS A 86 -22.83 -10.12 27.76
CA LYS A 86 -24.15 -10.72 27.64
C LYS A 86 -25.21 -9.79 28.21
N GLN A 87 -26.29 -9.60 27.46
CA GLN A 87 -27.36 -8.71 27.88
C GLN A 87 -28.68 -9.12 27.23
N ALA A 88 -29.77 -8.52 27.70
CA ALA A 88 -31.10 -8.80 27.17
C ALA A 88 -31.21 -8.37 25.71
N CYS A 89 -31.85 -9.20 24.90
CA CYS A 89 -31.99 -8.90 23.47
C CYS A 89 -33.39 -9.14 22.94
N PRO A 90 -34.32 -8.21 23.24
CA PRO A 90 -35.68 -8.31 22.72
C PRO A 90 -35.74 -7.86 21.26
N LYS A 91 -36.59 -8.50 20.47
CA LYS A 91 -36.77 -8.12 19.08
C LYS A 91 -37.43 -6.76 19.03
N ILE A 92 -37.05 -5.95 18.05
CA ILE A 92 -37.51 -4.57 18.00
C ILE A 92 -38.19 -4.21 16.68
N SER A 93 -38.91 -3.09 16.69
CA SER A 93 -39.54 -2.57 15.48
C SER A 93 -38.54 -1.66 14.75
N PHE A 94 -38.23 -2.00 13.50
CA PHE A 94 -37.15 -1.35 12.78
C PHE A 94 -37.57 -0.90 11.38
N ASP A 95 -37.63 0.41 11.18
CA ASP A 95 -37.92 0.96 9.85
C ASP A 95 -37.44 2.40 9.74
N PRO A 96 -36.39 2.62 8.92
CA PRO A 96 -35.77 3.94 8.73
C PRO A 96 -36.76 5.03 8.30
N ILE A 97 -36.56 6.24 8.83
CA ILE A 97 -37.42 7.37 8.51
C ILE A 97 -36.58 8.55 8.04
N PRO A 98 -37.15 9.39 7.15
CA PRO A 98 -36.45 10.56 6.61
C PRO A 98 -35.94 11.51 7.70
N ILE A 99 -34.70 11.97 7.54
CA ILE A 99 -34.10 12.91 8.48
C ILE A 99 -33.59 14.15 7.74
N HIS A 100 -33.98 15.32 8.22
CA HIS A 100 -33.51 16.57 7.64
C HIS A 100 -32.36 17.13 8.48
N TYR A 101 -31.29 17.54 7.82
CA TYR A 101 -30.17 18.18 8.51
C TYR A 101 -30.21 19.70 8.29
N CYS A 102 -30.11 20.45 9.37
CA CYS A 102 -30.33 21.89 9.32
C CYS A 102 -29.20 22.68 9.97
N THR A 103 -28.98 23.90 9.48
CA THR A 103 -27.95 24.79 10.01
C THR A 103 -28.49 25.72 11.07
N PRO A 104 -27.69 26.00 12.12
CA PRO A 104 -28.03 26.95 13.16
C PRO A 104 -28.04 28.39 12.63
N ALA A 105 -28.38 29.34 13.48
CA ALA A 105 -28.40 30.75 13.09
C ALA A 105 -27.00 31.24 12.75
N GLY A 106 -26.87 31.90 11.61
CA GLY A 106 -25.59 32.42 11.17
C GLY A 106 -25.04 31.64 9.98
N TYR A 107 -25.64 30.49 9.70
CA TYR A 107 -25.21 29.64 8.61
C TYR A 107 -26.38 29.31 7.69
N VAL A 108 -26.08 28.67 6.56
CA VAL A 108 -27.10 28.26 5.62
C VAL A 108 -26.55 27.15 4.71
N ILE A 109 -27.43 26.31 4.19
CA ILE A 109 -27.01 25.22 3.31
C ILE A 109 -27.20 25.56 1.85
N LEU A 110 -26.10 25.61 1.10
CA LEU A 110 -26.17 25.86 -0.33
C LEU A 110 -26.52 24.58 -1.08
N LYS A 111 -27.49 24.68 -1.97
CA LYS A 111 -27.97 23.52 -2.71
C LYS A 111 -27.73 23.66 -4.21
N CYS A 112 -27.02 22.69 -4.79
CA CYS A 112 -26.78 22.68 -6.22
C CYS A 112 -28.00 22.09 -6.93
N ASN A 113 -28.38 22.71 -8.04
CA ASN A 113 -29.57 22.28 -8.77
C ASN A 113 -29.27 21.88 -10.22
N ASP A 114 -28.00 21.63 -10.52
CA ASP A 114 -27.62 21.15 -11.84
C ASP A 114 -27.98 19.68 -12.01
N LYS A 115 -28.70 19.38 -13.09
CA LYS A 115 -29.18 18.03 -13.34
C LYS A 115 -28.04 17.06 -13.63
N ASN A 116 -26.97 17.59 -14.22
CA ASN A 116 -25.81 16.78 -14.57
C ASN A 116 -24.65 17.01 -13.60
N PHE A 117 -24.96 17.04 -12.31
CA PHE A 117 -23.96 17.32 -11.30
C PHE A 117 -23.36 16.05 -10.71
N ASN A 118 -22.05 15.88 -10.89
CA ASN A 118 -21.36 14.67 -10.45
C ASN A 118 -20.70 14.79 -9.08
N GLY A 119 -21.22 15.69 -8.24
CA GLY A 119 -20.74 15.82 -6.87
C GLY A 119 -19.65 16.85 -6.68
N THR A 120 -18.80 17.03 -7.69
CA THR A 120 -17.72 18.01 -7.60
C THR A 120 -17.80 19.02 -8.74
N GLY A 121 -16.96 20.05 -8.67
CA GLY A 121 -16.95 21.10 -9.66
C GLY A 121 -17.85 22.24 -9.25
N PRO A 122 -18.11 23.17 -10.20
CA PRO A 122 -18.96 24.34 -9.94
C PRO A 122 -20.44 24.04 -10.18
N CYS A 123 -21.30 24.99 -9.84
CA CYS A 123 -22.73 24.86 -10.03
C CYS A 123 -23.34 26.19 -10.45
N LYS A 124 -23.89 26.25 -11.66
CA LYS A 124 -24.43 27.48 -12.20
C LYS A 124 -25.77 27.86 -11.55
N ASN A 125 -26.48 26.84 -11.05
CA ASN A 125 -27.79 27.06 -10.44
C ASN A 125 -27.78 26.68 -8.96
N VAL A 126 -27.59 27.68 -8.10
CA VAL A 126 -27.49 27.43 -6.66
C VAL A 126 -28.62 28.11 -5.88
N SER A 127 -29.16 27.38 -4.91
CA SER A 127 -30.18 27.94 -4.02
C SER A 127 -29.75 27.77 -2.56
N SER A 128 -30.52 28.35 -1.65
CA SER A 128 -30.19 28.28 -0.23
C SER A 128 -31.38 27.81 0.60
N VAL A 129 -31.14 26.82 1.46
CA VAL A 129 -32.18 26.27 2.32
C VAL A 129 -31.69 26.16 3.75
N GLN A 130 -32.63 26.08 4.68
CA GLN A 130 -32.30 25.95 6.09
C GLN A 130 -32.02 24.49 6.43
N CYS A 131 -32.83 23.60 5.86
CA CYS A 131 -32.72 22.17 6.12
C CYS A 131 -32.71 21.37 4.82
N THR A 132 -32.01 20.24 4.83
CA THR A 132 -31.97 19.36 3.67
C THR A 132 -33.28 18.60 3.54
N HIS A 133 -33.41 17.82 2.46
CA HIS A 133 -34.60 17.00 2.28
C HIS A 133 -34.55 15.80 3.22
N GLY A 134 -35.68 15.10 3.34
CA GLY A 134 -35.75 13.94 4.20
C GLY A 134 -34.87 12.81 3.72
N ILE A 135 -33.89 12.43 4.54
CA ILE A 135 -32.94 11.39 4.18
C ILE A 135 -33.04 10.20 5.13
N LYS A 136 -33.48 9.06 4.60
CA LYS A 136 -33.53 7.84 5.40
C LYS A 136 -32.11 7.28 5.57
N PRO A 137 -31.74 6.98 6.84
CA PRO A 137 -30.42 6.44 7.15
C PRO A 137 -30.34 4.93 6.89
N VAL A 138 -30.55 4.52 5.65
CA VAL A 138 -30.55 3.10 5.31
C VAL A 138 -29.13 2.55 5.19
N VAL A 139 -28.74 1.73 6.16
CA VAL A 139 -27.42 1.11 6.16
C VAL A 139 -27.42 -0.17 5.34
N SER A 140 -26.67 -0.17 4.25
CA SER A 140 -26.59 -1.33 3.37
C SER A 140 -25.28 -1.33 2.58
N THR A 141 -24.93 -2.48 2.02
CA THR A 141 -23.73 -2.60 1.20
C THR A 141 -24.08 -2.95 -0.25
N GLN A 142 -23.14 -2.73 -1.15
CA GLN A 142 -23.31 -3.02 -2.57
C GLN A 142 -24.44 -2.23 -3.24
N LEU A 143 -25.65 -2.37 -2.72
CA LEU A 143 -26.80 -1.70 -3.30
C LEU A 143 -27.34 -0.60 -2.38
N LEU A 144 -27.52 0.60 -2.94
CA LEU A 144 -28.15 1.69 -2.21
C LEU A 144 -29.67 1.55 -2.29
N LEU A 145 -30.34 1.66 -1.15
CA LEU A 145 -31.76 1.40 -1.09
C LEU A 145 -32.57 2.58 -0.55
N ASN A 146 -33.79 2.72 -1.06
CA ASN A 146 -34.73 3.75 -0.60
C ASN A 146 -34.19 5.17 -0.64
N GLY A 147 -33.25 5.43 -1.56
CA GLY A 147 -32.66 6.73 -1.69
C GLY A 147 -33.31 7.56 -2.78
N SER A 148 -32.60 8.59 -3.22
CA SER A 148 -33.10 9.47 -4.28
C SER A 148 -32.51 9.10 -5.62
N LEU A 149 -33.22 9.42 -6.69
CA LEU A 149 -32.76 9.12 -8.04
C LEU A 149 -32.17 10.36 -8.71
N ALA A 150 -31.25 10.15 -9.63
CA ALA A 150 -30.69 11.25 -10.40
C ALA A 150 -31.65 11.64 -11.51
N GLU A 151 -31.75 12.93 -11.79
CA GLU A 151 -32.56 13.40 -12.91
C GLU A 151 -31.79 13.24 -14.21
N GLU A 152 -32.53 13.13 -15.31
CA GLU A 152 -31.93 12.95 -16.64
C GLU A 152 -31.04 11.71 -16.71
N GLU A 153 -29.73 11.93 -16.83
CA GLU A 153 -28.79 10.85 -17.07
C GLU A 153 -28.31 10.19 -15.77
N ILE A 154 -27.83 8.95 -15.90
CA ILE A 154 -27.22 8.24 -14.78
C ILE A 154 -25.88 8.87 -14.45
N ILE A 155 -25.59 9.04 -13.16
CA ILE A 155 -24.38 9.74 -12.75
C ILE A 155 -23.37 8.84 -12.06
N ILE A 156 -22.14 8.87 -12.57
CA ILE A 156 -21.03 8.15 -11.95
C ILE A 156 -20.23 9.10 -11.08
N ARG A 157 -20.27 8.87 -9.77
CA ARG A 157 -19.63 9.78 -8.83
C ARG A 157 -18.31 9.22 -8.30
N SER A 158 -17.25 10.00 -8.44
CA SER A 158 -15.94 9.62 -7.94
C SER A 158 -15.05 10.85 -7.77
N GLU A 159 -14.28 10.86 -6.69
CA GLU A 159 -13.33 11.94 -6.45
C GLU A 159 -12.21 11.85 -7.49
N ASN A 160 -11.53 10.72 -7.51
CA ASN A 160 -10.52 10.44 -8.53
C ASN A 160 -10.73 9.03 -9.08
N LEU A 161 -11.16 8.95 -10.34
CA LEU A 161 -11.39 7.65 -10.98
C LEU A 161 -10.11 6.84 -11.12
N THR A 162 -8.97 7.53 -11.12
CA THR A 162 -7.68 6.85 -11.18
C THR A 162 -7.31 6.25 -9.82
N ASN A 163 -7.89 6.80 -8.76
CA ASN A 163 -7.69 6.24 -7.42
C ASN A 163 -8.59 5.03 -7.21
N ASN A 164 -8.02 3.84 -7.36
CA ASN A 164 -8.79 2.60 -7.29
C ASN A 164 -9.11 2.19 -5.85
N ALA A 165 -8.53 2.91 -4.90
CA ALA A 165 -8.85 2.70 -3.49
C ALA A 165 -10.23 3.30 -3.20
N LYS A 166 -10.56 4.37 -3.92
CA LYS A 166 -11.84 5.06 -3.75
C LYS A 166 -13.01 4.21 -4.23
N THR A 167 -14.15 4.35 -3.56
CA THR A 167 -15.37 3.65 -3.95
C THR A 167 -16.17 4.48 -4.94
N ILE A 168 -16.61 3.86 -6.03
CA ILE A 168 -17.42 4.54 -7.04
C ILE A 168 -18.89 4.48 -6.68
N ILE A 169 -19.59 5.60 -6.89
CA ILE A 169 -21.02 5.67 -6.59
C ILE A 169 -21.85 5.88 -7.85
N VAL A 170 -22.57 4.84 -8.26
CA VAL A 170 -23.45 4.93 -9.42
C VAL A 170 -24.81 5.45 -8.98
N HIS A 171 -25.26 6.53 -9.61
CA HIS A 171 -26.55 7.13 -9.26
C HIS A 171 -27.57 6.90 -10.37
N LEU A 172 -28.50 5.99 -10.12
CA LEU A 172 -29.48 5.59 -11.13
C LEU A 172 -30.57 6.64 -11.34
N ASN A 173 -31.20 6.60 -12.52
CA ASN A 173 -32.29 7.52 -12.82
C ASN A 173 -33.62 6.80 -12.96
N LYS A 174 -33.62 5.51 -12.61
CA LYS A 174 -34.82 4.69 -12.63
C LYS A 174 -34.73 3.61 -11.57
N SER A 175 -35.58 3.69 -10.56
CA SER A 175 -35.55 2.75 -9.44
C SER A 175 -35.92 1.34 -9.87
N VAL A 176 -35.29 0.36 -9.22
CA VAL A 176 -35.59 -1.05 -9.48
C VAL A 176 -35.94 -1.75 -8.18
N GLU A 177 -37.16 -2.27 -8.08
CA GLU A 177 -37.63 -2.90 -6.84
C GLU A 177 -36.96 -4.23 -6.55
N ILE A 178 -36.51 -4.41 -5.32
CA ILE A 178 -35.98 -5.68 -4.86
C ILE A 178 -36.91 -6.27 -3.79
N ASN A 179 -37.34 -7.50 -4.01
CA ASN A 179 -38.37 -8.12 -3.17
C ASN A 179 -37.80 -9.24 -2.30
N CYS A 180 -37.40 -8.89 -1.08
CA CYS A 180 -36.82 -9.88 -0.17
C CYS A 180 -37.88 -10.46 0.76
N THR A 181 -37.84 -11.78 0.95
CA THR A 181 -38.86 -12.47 1.73
C THR A 181 -38.30 -13.66 2.50
N ARG A 182 -38.65 -13.75 3.78
CA ARG A 182 -38.42 -14.95 4.57
C ARG A 182 -39.77 -15.59 4.80
N PRO A 183 -40.05 -16.70 4.08
CA PRO A 183 -41.34 -17.38 4.16
C PRO A 183 -41.60 -17.96 5.54
N SER A 184 -42.87 -18.03 5.93
CA SER A 184 -43.24 -18.58 7.22
C SER A 184 -43.33 -20.10 7.17
N ASN A 185 -43.33 -20.74 8.34
CA ASN A 185 -43.45 -22.18 8.46
C ASN A 185 -42.37 -22.95 7.71
N GLY A 192 -37.06 -26.92 6.55
CA GLY A 192 -37.69 -25.77 7.19
C GLY A 192 -36.68 -24.87 7.87
N ASP A 193 -35.70 -24.42 7.12
CA ASP A 193 -34.66 -23.53 7.65
C ASP A 193 -35.22 -22.14 7.91
N ILE A 194 -35.26 -21.74 9.17
CA ILE A 194 -35.84 -20.46 9.58
C ILE A 194 -34.99 -19.27 9.14
N ARG A 195 -33.80 -19.54 8.61
CA ARG A 195 -32.90 -18.47 8.20
C ARG A 195 -32.78 -18.36 6.68
N LYS A 196 -33.37 -19.30 5.97
CA LYS A 196 -33.37 -19.28 4.51
C LYS A 196 -34.27 -18.14 4.01
N ALA A 197 -33.76 -17.40 3.04
CA ALA A 197 -34.50 -16.28 2.46
C ALA A 197 -34.15 -16.11 0.99
N TYR A 198 -34.85 -15.19 0.32
CA TYR A 198 -34.62 -14.95 -1.10
C TYR A 198 -35.11 -13.57 -1.55
N CYS A 199 -34.49 -13.05 -2.60
CA CYS A 199 -34.89 -11.76 -3.15
C CYS A 199 -35.33 -11.87 -4.61
N GLU A 200 -36.51 -11.33 -4.91
CA GLU A 200 -37.02 -11.32 -6.27
C GLU A 200 -36.73 -9.97 -6.92
N ILE A 201 -36.17 -10.01 -8.13
CA ILE A 201 -35.86 -8.80 -8.88
C ILE A 201 -36.22 -8.99 -10.35
N ASN A 202 -36.94 -8.03 -10.91
CA ASN A 202 -37.28 -8.08 -12.33
C ASN A 202 -36.03 -7.96 -13.20
N GLY A 203 -35.64 -9.08 -13.81
CA GLY A 203 -34.42 -9.14 -14.58
C GLY A 203 -34.45 -8.29 -15.83
N THR A 204 -35.62 -8.20 -16.45
CA THR A 204 -35.78 -7.39 -17.66
C THR A 204 -35.53 -5.92 -17.34
N LYS A 205 -36.12 -5.45 -16.24
CA LYS A 205 -35.92 -4.08 -15.80
C LYS A 205 -34.48 -3.85 -15.34
N TRP A 206 -33.95 -4.80 -14.57
CA TRP A 206 -32.63 -4.66 -13.98
C TRP A 206 -31.51 -4.67 -15.01
N ASN A 207 -31.47 -5.71 -15.83
CA ASN A 207 -30.43 -5.84 -16.84
C ASN A 207 -30.47 -4.70 -17.86
N LYS A 208 -31.66 -4.16 -18.10
CA LYS A 208 -31.80 -3.00 -18.96
C LYS A 208 -31.08 -1.82 -18.33
N VAL A 209 -31.25 -1.68 -17.02
CA VAL A 209 -30.60 -0.61 -16.28
C VAL A 209 -29.10 -0.83 -16.21
N LEU A 210 -28.71 -2.06 -15.86
CA LEU A 210 -27.31 -2.41 -15.71
C LEU A 210 -26.53 -2.20 -17.00
N LYS A 211 -27.19 -2.44 -18.13
CA LYS A 211 -26.55 -2.22 -19.43
C LYS A 211 -26.26 -0.73 -19.61
N GLN A 212 -27.20 0.10 -19.22
CA GLN A 212 -27.05 1.55 -19.32
C GLN A 212 -25.95 2.05 -18.37
N VAL A 213 -25.72 1.32 -17.30
CA VAL A 213 -24.67 1.65 -16.36
C VAL A 213 -23.30 1.45 -16.99
N THR A 214 -23.14 0.33 -17.70
CA THR A 214 -21.88 0.03 -18.39
C THR A 214 -21.61 1.05 -19.49
N GLU A 215 -22.67 1.44 -20.20
CA GLU A 215 -22.55 2.43 -21.27
C GLU A 215 -22.05 3.75 -20.70
N LYS A 216 -22.48 4.06 -19.49
CA LYS A 216 -22.07 5.28 -18.81
C LYS A 216 -20.63 5.13 -18.32
N LEU A 217 -20.29 3.93 -17.87
CA LEU A 217 -18.93 3.64 -17.44
C LEU A 217 -17.97 3.66 -18.61
N LYS A 218 -18.47 3.30 -19.79
CA LYS A 218 -17.67 3.35 -21.02
C LYS A 218 -17.26 4.79 -21.33
N GLU A 219 -18.13 5.74 -21.01
CA GLU A 219 -17.89 7.14 -21.29
C GLU A 219 -16.78 7.73 -20.41
N HIS A 220 -16.48 7.04 -19.32
CA HIS A 220 -15.46 7.49 -18.39
C HIS A 220 -14.14 6.75 -18.58
N PHE A 221 -14.14 5.78 -19.49
CA PHE A 221 -12.96 4.93 -19.67
C PHE A 221 -12.64 4.59 -21.13
N ASN A 222 -12.65 5.61 -21.98
CA ASN A 222 -12.24 5.47 -23.38
C ASN A 222 -12.87 4.30 -24.15
N ASN A 223 -14.17 4.12 -23.98
CA ASN A 223 -14.91 3.06 -24.67
C ASN A 223 -14.37 1.65 -24.42
N LYS A 224 -13.68 1.45 -23.30
CA LYS A 224 -13.13 0.14 -22.99
C LYS A 224 -14.23 -0.83 -22.56
N THR A 225 -13.90 -2.12 -22.51
CA THR A 225 -14.87 -3.14 -22.15
C THR A 225 -15.11 -3.18 -20.64
N ILE A 226 -16.38 -3.03 -20.25
CA ILE A 226 -16.75 -3.04 -18.85
C ILE A 226 -17.13 -4.46 -18.42
N ILE A 227 -16.48 -4.96 -17.39
CA ILE A 227 -16.72 -6.30 -16.87
C ILE A 227 -16.96 -6.28 -15.37
N PHE A 228 -17.97 -7.02 -14.91
CA PHE A 228 -18.24 -7.14 -13.49
C PHE A 228 -17.76 -8.46 -12.92
N GLN A 229 -17.17 -8.40 -11.74
CA GLN A 229 -16.69 -9.59 -11.05
C GLN A 229 -17.11 -9.54 -9.58
N PRO A 230 -17.34 -10.72 -8.97
CA PRO A 230 -17.65 -10.78 -7.54
C PRO A 230 -16.51 -10.21 -6.71
N PRO A 231 -16.80 -9.72 -5.50
CA PRO A 231 -15.79 -9.16 -4.60
C PRO A 231 -14.62 -10.12 -4.40
N SER A 232 -13.41 -9.59 -4.39
CA SER A 232 -12.20 -10.42 -4.29
C SER A 232 -12.07 -11.09 -2.93
N GLY A 233 -12.64 -10.46 -1.90
CA GLY A 233 -12.59 -11.01 -0.57
C GLY A 233 -13.30 -10.13 0.45
N GLY A 234 -13.19 -10.50 1.72
CA GLY A 234 -13.78 -9.71 2.80
C GLY A 234 -14.84 -10.48 3.55
N ASP A 235 -15.39 -9.86 4.58
CA ASP A 235 -16.45 -10.48 5.37
C ASP A 235 -17.75 -10.54 4.57
N LEU A 236 -18.65 -11.41 5.01
CA LEU A 236 -19.92 -11.64 4.31
C LEU A 236 -20.77 -10.39 4.15
N GLU A 237 -20.55 -9.41 5.01
CA GLU A 237 -21.31 -8.16 4.96
C GLU A 237 -21.07 -7.40 3.67
N ILE A 238 -19.89 -7.58 3.07
CA ILE A 238 -19.55 -6.86 1.85
C ILE A 238 -19.47 -7.74 0.62
N THR A 239 -19.21 -9.03 0.84
CA THR A 239 -19.17 -9.99 -0.27
C THR A 239 -20.59 -10.31 -0.71
N MET A 240 -21.55 -9.96 0.14
CA MET A 240 -22.96 -10.12 -0.19
C MET A 240 -23.71 -8.82 0.05
N HIS A 241 -24.88 -8.70 -0.55
CA HIS A 241 -25.76 -7.57 -0.31
C HIS A 241 -26.35 -7.70 1.08
N SER A 242 -25.87 -6.88 2.01
CA SER A 242 -26.34 -6.94 3.39
C SER A 242 -27.13 -5.70 3.76
N PHE A 243 -28.17 -5.89 4.57
CA PHE A 243 -29.05 -4.81 5.00
C PHE A 243 -29.93 -5.32 6.12
N ASN A 244 -30.60 -4.41 6.82
CA ASN A 244 -31.48 -4.81 7.90
C ASN A 244 -32.95 -4.67 7.52
N CYS A 245 -33.70 -5.75 7.71
CA CYS A 245 -35.12 -5.76 7.39
C CYS A 245 -35.93 -6.27 8.58
N ARG A 246 -36.78 -5.40 9.13
CA ARG A 246 -37.63 -5.74 10.26
C ARG A 246 -36.84 -6.20 11.48
N GLY A 247 -35.62 -5.68 11.63
CA GLY A 247 -34.78 -6.05 12.75
C GLY A 247 -33.86 -7.22 12.47
N GLU A 248 -34.09 -7.89 11.33
CA GLU A 248 -33.29 -9.04 10.95
C GLU A 248 -32.24 -8.66 9.91
N PHE A 249 -31.03 -9.19 10.08
CA PHE A 249 -29.93 -8.90 9.17
C PHE A 249 -29.89 -9.86 7.99
N PHE A 250 -30.13 -9.34 6.80
CA PHE A 250 -30.18 -10.15 5.59
C PHE A 250 -28.85 -10.15 4.84
N TYR A 251 -28.55 -11.27 4.20
CA TYR A 251 -27.33 -11.41 3.40
C TYR A 251 -27.66 -12.09 2.09
N CYS A 252 -27.62 -11.33 0.99
CA CYS A 252 -28.05 -11.84 -0.31
C CYS A 252 -26.92 -11.90 -1.33
N ASN A 253 -26.90 -12.98 -2.11
CA ASN A 253 -25.88 -13.20 -3.12
C ASN A 253 -26.23 -12.45 -4.41
N THR A 254 -25.33 -11.56 -4.83
CA THR A 254 -25.61 -10.70 -5.98
C THR A 254 -24.92 -11.14 -7.27
N THR A 255 -24.44 -12.37 -7.30
CA THR A 255 -23.76 -12.89 -8.48
C THR A 255 -24.63 -12.77 -9.74
N GLN A 256 -25.93 -13.01 -9.58
CA GLN A 256 -26.85 -12.94 -10.70
C GLN A 256 -27.21 -11.51 -11.09
N LEU A 257 -26.88 -10.56 -10.21
CA LEU A 257 -27.16 -9.15 -10.48
C LEU A 257 -26.09 -8.51 -11.36
N PHE A 258 -24.97 -9.20 -11.52
CA PHE A 258 -23.88 -8.69 -12.33
C PHE A 258 -23.47 -9.71 -13.38
N ASN A 259 -24.48 -10.23 -14.08
CA ASN A 259 -24.26 -11.21 -15.12
C ASN A 259 -23.86 -10.54 -16.42
N ASN A 260 -22.58 -10.66 -16.77
CA ASN A 260 -22.05 -10.04 -17.98
C ASN A 260 -22.72 -10.58 -19.24
N THR A 261 -23.25 -11.80 -19.15
CA THR A 261 -23.96 -12.42 -20.26
C THR A 261 -25.25 -11.67 -20.54
N CYS A 262 -25.90 -11.21 -19.47
CA CYS A 262 -27.17 -10.52 -19.59
C CYS A 262 -27.01 -9.09 -20.09
N ILE A 263 -25.79 -8.56 -19.98
CA ILE A 263 -25.49 -7.23 -20.49
C ILE A 263 -25.23 -7.30 -21.99
N GLY A 264 -24.94 -8.51 -22.47
CA GLY A 264 -24.70 -8.75 -23.88
C GLY A 264 -25.56 -9.88 -24.43
N THR A 267 -29.05 -9.73 -25.12
CA THR A 267 -30.07 -10.23 -26.04
C THR A 267 -30.14 -11.76 -25.99
N MET A 268 -30.27 -12.30 -24.78
CA MET A 268 -30.31 -13.74 -24.60
C MET A 268 -31.42 -14.20 -23.67
N LYS A 269 -31.69 -15.49 -23.68
CA LYS A 269 -32.71 -16.09 -22.82
C LYS A 269 -32.10 -16.45 -21.46
N GLY A 270 -32.85 -16.17 -20.40
CA GLY A 270 -32.38 -16.43 -19.05
C GLY A 270 -32.07 -15.13 -18.33
N CYS A 271 -32.01 -14.05 -19.09
CA CYS A 271 -31.77 -12.72 -18.53
C CYS A 271 -33.08 -11.97 -18.39
N ASN A 272 -34.08 -12.40 -19.15
CA ASN A 272 -35.42 -11.84 -19.04
C ASN A 272 -36.28 -12.68 -18.10
N GLY A 273 -36.77 -12.05 -17.04
CA GLY A 273 -37.59 -12.74 -16.07
C GLY A 273 -37.18 -12.47 -14.64
N THR A 274 -37.89 -13.07 -13.70
CA THR A 274 -37.64 -12.84 -12.27
C THR A 274 -36.32 -13.47 -11.81
N ILE A 275 -35.35 -12.62 -11.47
CA ILE A 275 -34.11 -13.08 -10.88
C ILE A 275 -34.35 -13.36 -9.40
N THR A 276 -33.92 -14.53 -8.95
CA THR A 276 -34.07 -14.89 -7.54
C THR A 276 -32.72 -15.01 -6.84
N LEU A 277 -32.45 -14.07 -5.95
CA LEU A 277 -31.19 -14.08 -5.21
C LEU A 277 -31.33 -14.86 -3.91
N PRO A 278 -30.48 -15.87 -3.71
CA PRO A 278 -30.48 -16.64 -2.46
C PRO A 278 -29.99 -15.79 -1.30
N CYS A 279 -30.76 -15.77 -0.21
CA CYS A 279 -30.41 -14.94 0.94
C CYS A 279 -30.36 -15.72 2.25
N LYS A 280 -29.61 -15.19 3.20
CA LYS A 280 -29.48 -15.80 4.52
C LYS A 280 -29.76 -14.78 5.61
N ILE A 281 -30.24 -15.25 6.76
CA ILE A 281 -30.39 -14.38 7.93
C ILE A 281 -29.41 -14.81 9.01
N LYS A 282 -28.52 -13.89 9.40
CA LYS A 282 -27.49 -14.21 10.37
C LYS A 282 -27.72 -13.51 11.70
N GLN A 283 -27.55 -14.25 12.79
CA GLN A 283 -27.64 -13.67 14.13
C GLN A 283 -26.27 -13.17 14.57
N ILE A 284 -25.22 -13.85 14.11
CA ILE A 284 -23.85 -13.39 14.33
C ILE A 284 -23.43 -12.51 13.16
N ILE A 285 -23.21 -11.23 13.42
CA ILE A 285 -22.83 -10.30 12.37
C ILE A 285 -21.57 -9.52 12.73
N ASN A 286 -20.95 -8.92 11.72
CA ASN A 286 -19.85 -7.99 11.93
C ASN A 286 -20.37 -6.57 11.98
N MET A 287 -20.05 -5.85 13.06
CA MET A 287 -20.53 -4.49 13.22
C MET A 287 -19.83 -3.51 12.30
N TRP A 288 -20.63 -2.76 11.53
CA TRP A 288 -20.12 -1.77 10.59
C TRP A 288 -19.49 -0.57 11.30
N GLN A 289 -19.74 -0.45 12.59
CA GLN A 289 -19.15 0.61 13.39
C GLN A 289 -17.65 0.36 13.60
N GLY A 290 -17.21 -0.84 13.23
CA GLY A 290 -15.83 -1.23 13.40
C GLY A 290 -15.56 -1.76 14.80
N THR A 291 -16.63 -1.88 15.58
CA THR A 291 -16.53 -2.30 16.97
C THR A 291 -16.10 -3.76 17.07
N GLY A 292 -16.79 -4.62 16.33
CA GLY A 292 -16.48 -6.04 16.32
C GLY A 292 -17.65 -6.89 15.85
N GLN A 293 -17.90 -7.99 16.56
CA GLN A 293 -19.01 -8.87 16.23
C GLN A 293 -20.11 -8.78 17.29
N ALA A 294 -21.32 -9.14 16.90
CA ALA A 294 -22.47 -9.13 17.80
C ALA A 294 -23.47 -10.21 17.43
N MET A 295 -23.83 -11.05 18.40
CA MET A 295 -24.82 -12.09 18.17
C MET A 295 -26.21 -11.63 18.61
N TYR A 296 -27.21 -11.86 17.75
CA TYR A 296 -28.59 -11.50 18.05
C TYR A 296 -29.44 -12.74 18.26
N ALA A 297 -30.72 -12.52 18.57
CA ALA A 297 -31.66 -13.62 18.77
C ALA A 297 -32.03 -14.22 17.41
N PRO A 298 -32.46 -15.49 17.41
CA PRO A 298 -32.96 -16.12 16.19
C PRO A 298 -34.13 -15.33 15.61
N PRO A 299 -34.33 -15.37 14.29
CA PRO A 299 -35.34 -14.56 13.61
C PRO A 299 -36.75 -14.78 14.15
N ILE A 300 -37.61 -13.78 14.01
CA ILE A 300 -38.98 -13.85 14.47
C ILE A 300 -39.79 -14.85 13.65
N ASP A 301 -40.97 -15.20 14.14
CA ASP A 301 -41.84 -16.11 13.42
C ASP A 301 -42.63 -15.36 12.35
N GLY A 302 -43.24 -16.11 11.44
CA GLY A 302 -44.08 -15.51 10.41
C GLY A 302 -43.33 -15.09 9.15
N LYS A 303 -44.01 -14.28 8.34
CA LYS A 303 -43.46 -13.82 7.07
C LYS A 303 -42.69 -12.51 7.23
N ILE A 304 -41.40 -12.55 6.94
CA ILE A 304 -40.56 -11.36 7.00
C ILE A 304 -40.29 -10.83 5.59
N ASN A 305 -40.85 -9.67 5.29
CA ASN A 305 -40.79 -9.15 3.92
C ASN A 305 -40.36 -7.69 3.84
N CYS A 306 -39.45 -7.41 2.91
CA CYS A 306 -39.02 -6.04 2.64
C CYS A 306 -39.03 -5.74 1.15
N VAL A 307 -39.57 -4.59 0.78
CA VAL A 307 -39.56 -4.14 -0.60
C VAL A 307 -38.87 -2.78 -0.70
N SER A 308 -37.75 -2.73 -1.40
CA SER A 308 -36.96 -1.51 -1.47
C SER A 308 -36.70 -1.08 -2.92
N ASN A 309 -36.41 0.20 -3.09
CA ASN A 309 -36.01 0.72 -4.40
C ASN A 309 -34.50 0.86 -4.52
N ILE A 310 -33.90 0.08 -5.40
CA ILE A 310 -32.48 0.22 -5.69
C ILE A 310 -32.27 1.52 -6.44
N THR A 311 -31.60 2.47 -5.81
CA THR A 311 -31.42 3.79 -6.39
C THR A 311 -29.95 4.05 -6.72
N GLY A 312 -29.08 3.17 -6.26
CA GLY A 312 -27.66 3.33 -6.50
C GLY A 312 -26.85 2.07 -6.29
N ILE A 313 -25.63 2.06 -6.82
CA ILE A 313 -24.73 0.93 -6.70
C ILE A 313 -23.34 1.40 -6.23
N LEU A 314 -22.75 0.65 -5.31
CA LEU A 314 -21.38 0.93 -4.88
C LEU A 314 -20.42 -0.02 -5.60
N LEU A 315 -19.43 0.55 -6.27
CA LEU A 315 -18.49 -0.23 -7.04
C LEU A 315 -17.03 0.08 -6.68
N THR A 316 -16.16 -0.89 -6.93
CA THR A 316 -14.73 -0.72 -6.71
C THR A 316 -13.96 -1.24 -7.92
N ARG A 317 -13.13 -0.38 -8.51
CA ARG A 317 -12.39 -0.74 -9.71
C ARG A 317 -11.07 -1.43 -9.36
N ASP A 318 -10.59 -2.29 -10.26
CA ASP A 318 -9.37 -3.04 -10.02
C ASP A 318 -8.12 -2.29 -10.48
N GLY A 319 -6.98 -2.64 -9.88
CA GLY A 319 -5.71 -2.05 -10.25
C GLY A 319 -4.75 -3.09 -10.83
N GLY A 320 -3.51 -2.67 -11.07
CA GLY A 320 -2.52 -3.56 -11.64
C GLY A 320 -2.12 -3.13 -13.04
N ALA A 321 -1.82 -4.12 -13.90
CA ALA A 321 -1.41 -3.83 -15.27
C ALA A 321 -1.76 -4.98 -16.21
N ASN A 322 -1.10 -5.01 -17.36
CA ASN A 322 -1.30 -6.04 -18.38
C ASN A 322 -2.75 -6.12 -18.89
N ASN A 323 -3.45 -5.00 -18.82
CA ASN A 323 -4.84 -4.94 -19.28
C ASN A 323 -5.01 -4.28 -20.64
N THR A 324 -5.38 -3.00 -20.64
CA THR A 324 -5.62 -2.20 -21.85
C THR A 324 -6.86 -2.66 -22.63
N SER A 325 -7.30 -3.88 -22.40
CA SER A 325 -8.45 -4.43 -23.10
C SER A 325 -9.76 -4.10 -22.39
N ASN A 326 -9.75 -4.19 -21.06
CA ASN A 326 -10.98 -4.03 -20.29
C ASN A 326 -10.77 -3.46 -18.89
N GLU A 327 -11.84 -2.88 -18.33
CA GLU A 327 -11.85 -2.39 -16.96
C GLU A 327 -12.80 -3.25 -16.13
N THR A 328 -12.35 -3.66 -14.95
CA THR A 328 -13.12 -4.54 -14.09
C THR A 328 -13.68 -3.84 -12.86
N PHE A 329 -14.98 -4.01 -12.63
CA PHE A 329 -15.63 -3.42 -11.47
C PHE A 329 -16.24 -4.49 -10.56
N ARG A 330 -16.11 -4.29 -9.25
CA ARG A 330 -16.67 -5.21 -8.28
C ARG A 330 -17.58 -4.46 -7.30
N PRO A 331 -18.68 -5.09 -6.88
CA PRO A 331 -19.63 -4.51 -5.92
C PRO A 331 -18.96 -4.10 -4.62
N GLY A 332 -19.01 -2.81 -4.31
CA GLY A 332 -18.31 -2.27 -3.15
C GLY A 332 -19.19 -2.15 -1.92
N GLY A 333 -18.83 -1.23 -1.03
CA GLY A 333 -19.56 -1.03 0.20
C GLY A 333 -18.73 -1.41 1.41
N GLY A 334 -19.22 -1.08 2.59
CA GLY A 334 -18.51 -1.35 3.83
C GLY A 334 -18.38 -0.10 4.68
N ASN A 335 -17.85 0.96 4.07
CA ASN A 335 -17.82 2.27 4.71
C ASN A 335 -19.12 3.01 4.40
N ILE A 336 -19.95 3.17 5.42
CA ILE A 336 -21.31 3.68 5.24
C ILE A 336 -21.35 5.18 4.98
N LYS A 337 -20.20 5.84 5.10
CA LYS A 337 -20.10 7.26 4.76
C LYS A 337 -20.41 7.45 3.28
N ASP A 338 -20.07 6.44 2.48
CA ASP A 338 -20.38 6.46 1.05
C ASP A 338 -21.90 6.57 0.84
N ASN A 339 -22.64 5.85 1.67
CA ASN A 339 -24.10 5.87 1.61
C ASN A 339 -24.65 7.28 1.82
N TRP A 340 -24.10 7.99 2.79
CA TRP A 340 -24.56 9.35 3.07
C TRP A 340 -24.12 10.33 2.00
N ARG A 341 -22.92 10.11 1.45
CA ARG A 341 -22.42 10.96 0.38
C ARG A 341 -23.32 10.89 -0.85
N SER A 342 -23.96 9.75 -1.04
CA SER A 342 -24.85 9.55 -2.18
C SER A 342 -26.12 10.37 -2.07
N GLU A 343 -26.34 10.97 -0.90
CA GLU A 343 -27.52 11.79 -0.68
C GLU A 343 -27.14 13.23 -0.31
N LEU A 344 -26.01 13.38 0.37
CA LEU A 344 -25.54 14.69 0.82
C LEU A 344 -24.60 15.33 -0.20
N TYR A 345 -24.69 14.89 -1.45
CA TYR A 345 -23.77 15.36 -2.49
C TYR A 345 -24.07 16.78 -2.95
N LYS A 346 -25.35 17.14 -2.95
CA LYS A 346 -25.77 18.44 -3.47
C LYS A 346 -25.92 19.49 -2.38
N TYR A 347 -25.32 19.23 -1.22
CA TYR A 347 -25.39 20.16 -0.10
C TYR A 347 -24.02 20.49 0.45
N LYS A 348 -23.88 21.71 0.98
CA LYS A 348 -22.67 22.10 1.70
C LYS A 348 -22.95 23.29 2.63
N VAL A 349 -22.27 23.31 3.77
CA VAL A 349 -22.51 24.34 4.78
C VAL A 349 -21.61 25.54 4.59
N VAL A 350 -22.22 26.72 4.52
CA VAL A 350 -21.47 27.97 4.39
C VAL A 350 -21.84 28.94 5.49
N GLN A 351 -20.92 29.84 5.81
CA GLN A 351 -21.15 30.86 6.82
C GLN A 351 -21.37 32.21 6.18
N ILE A 352 -22.52 32.83 6.46
CA ILE A 352 -22.84 34.13 5.90
C ILE A 352 -22.04 35.23 6.60
N GLU A 353 -21.20 35.91 5.84
CA GLU A 353 -20.37 36.98 6.38
C GLU A 353 -20.75 38.33 5.81
N GLN B 2 2.75 4.56 16.79
CA GLN B 2 2.61 4.51 15.34
C GLN B 2 3.62 3.55 14.74
N HIS B 3 3.43 2.25 14.97
CA HIS B 3 4.41 1.27 14.53
C HIS B 3 3.78 0.07 13.82
N LEU B 4 4.49 -0.46 12.83
CA LEU B 4 4.07 -1.66 12.13
C LEU B 4 5.20 -2.67 12.14
N VAL B 5 5.07 -3.70 12.98
CA VAL B 5 6.09 -4.73 13.09
C VAL B 5 5.72 -5.97 12.26
N GLN B 6 6.62 -6.37 11.38
CA GLN B 6 6.37 -7.53 10.53
C GLN B 6 7.10 -8.77 11.04
N SER B 7 6.64 -9.94 10.60
CA SER B 7 7.25 -11.20 11.00
C SER B 7 8.64 -11.34 10.41
N GLY B 8 9.43 -12.25 10.98
CA GLY B 8 10.79 -12.47 10.54
C GLY B 8 10.88 -13.01 9.11
N THR B 9 12.09 -13.00 8.57
CA THR B 9 12.33 -13.47 7.21
C THR B 9 12.07 -14.97 7.11
N GLN B 10 11.57 -15.41 5.96
CA GLN B 10 11.21 -16.82 5.77
C GLN B 10 11.69 -17.37 4.43
N VAL B 11 12.10 -18.63 4.44
CA VAL B 11 12.59 -19.29 3.23
C VAL B 11 11.65 -20.41 2.79
N LYS B 12 11.27 -20.40 1.52
CA LYS B 12 10.31 -21.37 1.01
C LYS B 12 10.80 -22.02 -0.29
N LYS B 13 10.48 -23.29 -0.46
CA LYS B 13 10.76 -24.01 -1.70
C LYS B 13 9.84 -23.49 -2.80
N PRO B 14 10.31 -23.54 -4.06
CA PRO B 14 9.49 -23.09 -5.19
C PRO B 14 8.19 -23.88 -5.31
N GLY B 15 7.07 -23.17 -5.42
CA GLY B 15 5.78 -23.82 -5.56
C GLY B 15 4.99 -23.85 -4.28
N ALA B 16 5.63 -23.48 -3.18
CA ALA B 16 4.99 -23.47 -1.87
C ALA B 16 4.18 -22.20 -1.66
N SER B 17 3.83 -21.93 -0.40
CA SER B 17 3.10 -20.73 -0.05
C SER B 17 3.72 -20.07 1.18
N VAL B 18 3.36 -18.82 1.43
CA VAL B 18 3.93 -18.09 2.56
C VAL B 18 2.92 -17.11 3.18
N ARG B 19 2.92 -17.03 4.50
CA ARG B 19 2.10 -16.06 5.20
C ARG B 19 2.97 -15.04 5.93
N VAL B 20 2.74 -13.76 5.66
CA VAL B 20 3.49 -12.69 6.30
C VAL B 20 2.57 -11.83 7.14
N SER B 21 2.91 -11.67 8.42
CA SER B 21 2.09 -10.90 9.35
C SER B 21 2.60 -9.47 9.49
N CYS B 22 1.71 -8.59 9.94
CA CYS B 22 2.05 -7.18 10.15
C CYS B 22 1.31 -6.66 11.37
N GLN B 23 2.02 -6.56 12.49
CA GLN B 23 1.40 -6.17 13.76
C GLN B 23 1.37 -4.66 13.96
N ALA B 24 0.17 -4.08 13.95
CA ALA B 24 0.00 -2.66 14.23
C ALA B 24 0.07 -2.42 15.73
N SER B 25 0.51 -1.22 16.13
CA SER B 25 0.81 -0.97 17.53
C SER B 25 0.13 0.26 18.13
N GLY B 26 0.45 1.45 17.61
CA GLY B 26 0.10 2.68 18.29
C GLY B 26 -1.27 3.29 18.04
N TYR B 27 -1.82 3.06 16.85
CA TYR B 27 -3.02 3.77 16.43
C TYR B 27 -4.29 2.94 16.56
N THR B 28 -5.43 3.58 16.31
CA THR B 28 -6.71 2.89 16.26
C THR B 28 -6.79 2.09 14.97
N PHE B 29 -6.62 0.78 15.10
CA PHE B 29 -6.44 -0.12 13.96
C PHE B 29 -7.52 -0.05 12.89
N THR B 30 -8.77 0.14 13.32
CA THR B 30 -9.89 0.10 12.39
C THR B 30 -10.06 1.39 11.59
N ASN B 31 -9.22 2.38 11.87
CA ASN B 31 -9.36 3.71 11.27
C ASN B 31 -8.57 3.94 9.99
N TYR B 32 -7.63 3.05 9.67
CA TYR B 32 -6.74 3.27 8.54
C TYR B 32 -6.56 2.06 7.65
N ILE B 33 -6.36 2.31 6.36
CA ILE B 33 -6.18 1.27 5.36
C ILE B 33 -4.72 0.84 5.24
N LEU B 34 -4.50 -0.47 5.10
CA LEU B 34 -3.15 -0.99 4.92
C LEU B 34 -2.88 -1.39 3.46
N HIS B 35 -1.72 -1.00 2.94
CA HIS B 35 -1.29 -1.41 1.61
C HIS B 35 -0.12 -2.38 1.71
N TRP B 36 0.00 -3.26 0.72
CA TRP B 36 1.10 -4.22 0.68
C TRP B 36 1.97 -4.02 -0.54
N TRP B 37 3.28 -4.05 -0.33
CA TRP B 37 4.25 -3.83 -1.40
C TRP B 37 5.35 -4.88 -1.34
N ARG B 38 6.06 -5.03 -2.45
CA ARG B 38 7.25 -5.87 -2.48
C ARG B 38 8.29 -5.25 -3.41
N GLN B 39 9.56 -5.44 -3.07
CA GLN B 39 10.65 -4.95 -3.91
C GLN B 39 11.68 -6.04 -4.11
N ALA B 40 11.81 -6.50 -5.35
CA ALA B 40 12.82 -7.49 -5.69
C ALA B 40 14.18 -6.81 -5.77
N PRO B 41 15.27 -7.57 -5.56
CA PRO B 41 16.61 -7.01 -5.72
C PRO B 41 16.82 -6.52 -7.15
N GLY B 42 17.29 -5.29 -7.30
CA GLY B 42 17.47 -4.70 -8.61
C GLY B 42 16.14 -4.41 -9.27
N GLN B 43 15.18 -3.97 -8.47
CA GLN B 43 13.84 -3.69 -8.96
C GLN B 43 13.20 -2.55 -8.17
N GLY B 44 12.13 -1.99 -8.71
CA GLY B 44 11.39 -0.95 -8.03
C GLY B 44 10.24 -1.52 -7.23
N LEU B 45 9.63 -0.69 -6.39
CA LEU B 45 8.49 -1.11 -5.58
C LEU B 45 7.26 -1.37 -6.43
N GLU B 46 6.56 -2.45 -6.13
CA GLU B 46 5.29 -2.74 -6.81
C GLU B 46 4.18 -3.01 -5.81
N TRP B 47 3.00 -2.45 -6.10
CA TRP B 47 1.84 -2.59 -5.23
C TRP B 47 1.16 -3.94 -5.44
N MET B 48 0.93 -4.65 -4.35
CA MET B 48 0.31 -5.97 -4.43
C MET B 48 -1.18 -5.92 -4.10
N GLY B 49 -1.55 -5.03 -3.20
CA GLY B 49 -2.95 -4.89 -2.82
C GLY B 49 -3.17 -4.03 -1.59
N LEU B 50 -4.43 -3.71 -1.33
CA LEU B 50 -4.79 -2.97 -0.12
C LEU B 50 -5.84 -3.73 0.66
N ILE B 51 -5.98 -3.40 1.95
CA ILE B 51 -6.99 -4.02 2.78
C ILE B 51 -7.63 -3.00 3.73
N LYS B 52 -8.94 -3.11 3.90
CA LYS B 52 -9.68 -2.23 4.79
C LYS B 52 -10.12 -3.02 6.03
N PRO B 53 -9.55 -2.70 7.19
CA PRO B 53 -9.67 -3.48 8.43
C PRO B 53 -11.10 -3.69 8.94
N VAL B 54 -12.02 -2.79 8.58
CA VAL B 54 -13.39 -2.87 9.10
C VAL B 54 -14.09 -4.17 8.69
N PHE B 55 -14.24 -4.38 7.39
CA PHE B 55 -14.94 -5.57 6.89
C PHE B 55 -14.00 -6.50 6.11
N GLY B 56 -12.71 -6.18 6.12
CA GLY B 56 -11.73 -6.99 5.44
C GLY B 56 -11.73 -6.78 3.94
N ALA B 57 -12.35 -5.69 3.49
CA ALA B 57 -12.41 -5.36 2.08
C ALA B 57 -11.01 -5.26 1.49
N VAL B 58 -10.85 -5.76 0.27
CA VAL B 58 -9.54 -5.79 -0.36
C VAL B 58 -9.58 -5.27 -1.80
N ASN B 59 -8.39 -5.07 -2.37
CA ASN B 59 -8.25 -4.74 -3.77
C ASN B 59 -6.90 -5.26 -4.25
N TYR B 60 -6.91 -6.45 -4.84
CA TYR B 60 -5.68 -7.11 -5.26
C TYR B 60 -5.19 -6.58 -6.59
N ALA B 61 -3.87 -6.54 -6.76
CA ALA B 61 -3.28 -6.20 -8.04
C ALA B 61 -3.64 -7.28 -9.04
N ARG B 62 -3.87 -6.88 -10.28
CA ARG B 62 -4.37 -7.80 -11.31
C ARG B 62 -3.45 -9.01 -11.53
N GLN B 63 -2.14 -8.83 -11.31
CA GLN B 63 -1.18 -9.88 -11.58
C GLN B 63 -1.00 -10.88 -10.44
N PHE B 64 -1.69 -10.66 -9.32
CA PHE B 64 -1.57 -11.56 -8.18
C PHE B 64 -2.89 -12.26 -7.85
N GLN B 65 -3.95 -11.86 -8.54
CA GLN B 65 -5.27 -12.44 -8.32
C GLN B 65 -5.27 -13.94 -8.61
N GLY B 66 -5.73 -14.72 -7.64
CA GLY B 66 -5.70 -16.16 -7.74
C GLY B 66 -4.53 -16.74 -6.97
N ARG B 67 -3.74 -15.85 -6.39
CA ARG B 67 -2.56 -16.24 -5.63
C ARG B 67 -2.53 -15.55 -4.28
N ILE B 68 -2.99 -14.29 -4.26
CA ILE B 68 -2.88 -13.44 -3.09
C ILE B 68 -4.15 -13.41 -2.23
N GLN B 69 -3.96 -13.41 -0.92
CA GLN B 69 -5.08 -13.32 0.03
C GLN B 69 -4.73 -12.40 1.19
N LEU B 70 -5.34 -11.21 1.21
CA LEU B 70 -5.11 -10.25 2.28
C LEU B 70 -6.16 -10.38 3.37
N THR B 71 -5.72 -10.66 4.59
CA THR B 71 -6.62 -10.80 5.73
C THR B 71 -6.14 -10.02 6.95
N ARG B 72 -6.99 -9.92 7.96
CA ARG B 72 -6.62 -9.22 9.18
C ARG B 72 -7.36 -9.77 10.39
N ASP B 73 -6.91 -9.34 11.58
CA ASP B 73 -7.58 -9.67 12.83
C ASP B 73 -7.89 -8.36 13.54
N ILE B 74 -9.15 -7.93 13.48
CA ILE B 74 -9.55 -6.64 14.01
C ILE B 74 -9.35 -6.52 15.53
N TYR B 75 -9.21 -7.66 16.20
CA TYR B 75 -9.01 -7.67 17.65
C TYR B 75 -7.53 -7.63 17.99
N ARG B 76 -6.77 -8.54 17.38
CA ARG B 76 -5.32 -8.58 17.56
C ARG B 76 -4.66 -7.36 16.92
N GLU B 77 -5.39 -6.70 16.04
CA GLU B 77 -4.89 -5.56 15.28
C GLU B 77 -3.65 -5.95 14.47
N ILE B 78 -3.79 -6.98 13.64
CA ILE B 78 -2.70 -7.48 12.83
C ILE B 78 -3.15 -7.87 11.43
N ALA B 79 -2.37 -7.49 10.42
CA ALA B 79 -2.70 -7.82 9.04
C ALA B 79 -1.87 -9.00 8.54
N PHE B 80 -2.33 -9.65 7.49
CA PHE B 80 -1.66 -10.81 6.95
C PHE B 80 -1.60 -10.79 5.43
N LEU B 81 -0.59 -11.46 4.87
CA LEU B 81 -0.43 -11.58 3.44
C LEU B 81 -0.12 -13.02 3.08
N ASP B 82 -1.00 -13.64 2.30
CA ASP B 82 -0.79 -15.01 1.86
C ASP B 82 -0.56 -15.06 0.36
N LEU B 83 0.59 -15.61 -0.04
CA LEU B 83 0.92 -15.75 -1.44
C LEU B 83 1.28 -17.20 -1.76
N SER B 84 0.49 -17.82 -2.63
CA SER B 84 0.70 -19.22 -3.00
C SER B 84 1.30 -19.34 -4.40
N GLY B 85 1.79 -20.54 -4.73
CA GLY B 85 2.44 -20.77 -6.00
C GLY B 85 3.68 -19.91 -6.16
N LEU B 86 4.56 -19.97 -5.17
CA LEU B 86 5.76 -19.14 -5.15
C LEU B 86 6.73 -19.47 -6.27
N ARG B 87 7.29 -18.43 -6.88
CA ARG B 87 8.27 -18.59 -7.95
C ARG B 87 9.59 -17.90 -7.58
N SER B 88 10.60 -18.09 -8.42
CA SER B 88 11.91 -17.49 -8.18
C SER B 88 11.82 -15.97 -8.19
N ASP B 89 10.95 -15.44 -9.05
CA ASP B 89 10.78 -13.99 -9.18
C ASP B 89 9.96 -13.40 -8.03
N ASP B 90 9.45 -14.26 -7.16
CA ASP B 90 8.68 -13.81 -6.00
C ASP B 90 9.59 -13.49 -4.82
N THR B 91 10.87 -13.84 -4.96
CA THR B 91 11.85 -13.55 -3.92
C THR B 91 12.06 -12.04 -3.82
N ALA B 92 11.56 -11.44 -2.74
CA ALA B 92 11.66 -10.00 -2.55
C ALA B 92 11.49 -9.61 -1.09
N VAL B 93 11.51 -8.31 -0.83
CA VAL B 93 11.23 -7.78 0.49
C VAL B 93 9.80 -7.26 0.51
N TYR B 94 8.95 -7.88 1.32
CA TYR B 94 7.54 -7.53 1.36
C TYR B 94 7.23 -6.52 2.46
N TYR B 95 6.52 -5.46 2.09
CA TYR B 95 6.21 -4.38 3.02
C TYR B 95 4.71 -4.24 3.26
N CYS B 96 4.36 -3.77 4.45
CA CYS B 96 3.00 -3.31 4.72
C CYS B 96 3.07 -1.86 5.18
N ALA B 97 2.20 -1.02 4.63
CA ALA B 97 2.20 0.39 4.98
C ALA B 97 0.80 0.89 5.29
N ARG B 98 0.70 1.92 6.12
CA ARG B 98 -0.58 2.47 6.52
C ARG B 98 -0.88 3.78 5.78
N ASP B 99 -2.13 3.94 5.36
CA ASP B 99 -2.56 5.18 4.74
C ASP B 99 -2.98 6.16 5.82
N GLU B 100 -2.06 7.03 6.21
CA GLU B 100 -2.27 7.95 7.32
C GLU B 100 -3.36 8.99 7.02
N SER B 101 -3.72 9.12 5.75
CA SER B 101 -4.77 10.05 5.35
C SER B 101 -6.12 9.64 5.94
N GLY B 102 -6.29 8.35 6.19
CA GLY B 102 -7.50 7.86 6.84
C GLY B 102 -8.62 7.53 5.87
N ASP B 103 -9.78 8.14 6.10
CA ASP B 103 -10.99 7.82 5.35
C ASP B 103 -10.97 8.37 3.93
N ASP B 104 -10.24 9.47 3.72
CA ASP B 104 -10.21 10.12 2.41
C ASP B 104 -9.18 9.53 1.44
N LEU B 105 -8.55 8.44 1.87
CA LEU B 105 -7.71 7.58 1.00
C LEU B 105 -6.80 8.32 0.02
N LYS B 106 -5.83 9.05 0.55
CA LYS B 106 -4.93 9.83 -0.30
C LYS B 106 -3.55 9.19 -0.44
N TRP B 107 -3.44 7.93 -0.02
CA TRP B 107 -2.21 7.15 -0.15
C TRP B 107 -1.00 7.80 0.53
N HIS B 108 -1.26 8.44 1.66
CA HIS B 108 -0.18 8.98 2.49
C HIS B 108 0.38 7.84 3.32
N LEU B 109 1.44 7.20 2.82
CA LEU B 109 1.90 5.95 3.42
C LEU B 109 2.88 6.16 4.57
N HIS B 110 2.35 6.03 5.79
CA HIS B 110 3.16 6.11 7.00
C HIS B 110 2.36 5.58 8.19
N PRO B 111 2.99 4.74 9.02
CA PRO B 111 4.37 4.28 8.85
C PRO B 111 4.45 3.03 7.98
N TRP B 112 5.65 2.47 7.86
CA TRP B 112 5.87 1.24 7.10
C TRP B 112 6.35 0.14 8.03
N GLY B 113 6.23 -1.10 7.57
CA GLY B 113 6.82 -2.22 8.28
C GLY B 113 8.32 -2.22 8.02
N GLN B 114 9.08 -2.96 8.83
CA GLN B 114 10.53 -3.01 8.64
C GLN B 114 10.88 -3.87 7.43
N GLY B 115 9.89 -4.56 6.88
CA GLY B 115 10.06 -5.36 5.69
C GLY B 115 10.42 -6.80 5.99
N THR B 116 9.64 -7.73 5.44
CA THR B 116 9.93 -9.15 5.60
C THR B 116 10.57 -9.71 4.33
N GLN B 117 11.77 -10.26 4.47
CA GLN B 117 12.45 -10.89 3.35
C GLN B 117 11.92 -12.29 3.11
N VAL B 118 11.40 -12.52 1.90
CA VAL B 118 10.94 -13.84 1.52
C VAL B 118 11.82 -14.40 0.40
N ILE B 119 12.46 -15.52 0.69
CA ILE B 119 13.37 -16.14 -0.28
C ILE B 119 12.78 -17.43 -0.83
N VAL B 120 12.59 -17.46 -2.15
CA VAL B 120 12.08 -18.64 -2.81
C VAL B 120 13.19 -19.33 -3.59
N SER B 121 13.69 -20.42 -3.05
CA SER B 121 14.81 -21.15 -3.66
C SER B 121 14.74 -22.64 -3.35
N PRO B 122 15.19 -23.47 -4.31
CA PRO B 122 15.24 -24.91 -4.09
C PRO B 122 16.41 -25.30 -3.18
N ALA B 123 17.29 -24.34 -2.90
CA ALA B 123 18.46 -24.59 -2.07
C ALA B 123 18.08 -24.80 -0.61
N SER B 124 18.88 -25.60 0.08
CA SER B 124 18.66 -25.84 1.51
C SER B 124 19.66 -25.05 2.34
N THR B 125 19.46 -25.04 3.65
CA THR B 125 20.33 -24.27 4.55
C THR B 125 21.75 -24.85 4.59
N LYS B 126 22.72 -23.99 4.31
CA LYS B 126 24.12 -24.38 4.33
C LYS B 126 24.97 -23.34 5.05
N GLY B 127 25.85 -23.82 5.93
CA GLY B 127 26.78 -22.96 6.64
C GLY B 127 27.85 -22.42 5.72
N PRO B 128 28.37 -21.23 6.04
CA PRO B 128 29.37 -20.55 5.20
C PRO B 128 30.76 -21.16 5.28
N SER B 129 31.53 -20.99 4.21
CA SER B 129 32.93 -21.36 4.20
C SER B 129 33.77 -20.08 4.27
N VAL B 130 34.51 -19.92 5.34
CA VAL B 130 35.29 -18.69 5.55
C VAL B 130 36.73 -18.84 5.09
N PHE B 131 37.09 -18.07 4.06
CA PHE B 131 38.44 -18.10 3.53
C PHE B 131 39.19 -16.81 3.84
N PRO B 132 40.51 -16.89 4.01
CA PRO B 132 41.30 -15.70 4.35
C PRO B 132 41.75 -14.92 3.12
N LEU B 133 41.69 -13.59 3.21
CA LEU B 133 42.31 -12.72 2.22
C LEU B 133 43.62 -12.20 2.80
N ALA B 134 44.60 -13.08 2.88
CA ALA B 134 45.87 -12.78 3.56
C ALA B 134 46.58 -11.57 2.95
N PRO B 135 47.10 -10.70 3.81
CA PRO B 135 47.87 -9.53 3.36
C PRO B 135 49.18 -9.95 2.72
N SER B 136 49.51 -9.34 1.59
CA SER B 136 50.72 -9.70 0.85
C SER B 136 51.67 -8.53 0.74
N SER B 137 52.47 -8.52 -0.31
CA SER B 137 53.40 -7.42 -0.58
C SER B 137 52.65 -6.25 -1.21
N LYS B 138 51.37 -6.44 -1.45
CA LYS B 138 50.51 -5.41 -2.00
C LYS B 138 50.23 -4.34 -0.93
N SER B 139 50.94 -3.23 -1.01
CA SER B 139 50.77 -2.15 -0.03
C SER B 139 50.61 -0.79 -0.70
N THR B 140 49.57 -0.07 -0.30
CA THR B 140 49.28 1.25 -0.84
C THR B 140 49.16 2.25 0.30
N SER B 141 49.17 3.54 -0.04
CA SER B 141 49.07 4.62 0.95
C SER B 141 50.18 4.54 2.00
N GLY B 142 51.39 4.22 1.55
CA GLY B 142 52.52 4.08 2.44
C GLY B 142 52.51 2.77 3.19
N GLY B 143 52.21 2.84 4.48
CA GLY B 143 52.20 1.67 5.33
C GLY B 143 50.98 0.79 5.14
N THR B 144 49.81 1.36 5.41
CA THR B 144 48.53 0.63 5.45
C THR B 144 48.35 -0.45 4.38
N ALA B 145 48.30 -1.71 4.84
CA ALA B 145 48.04 -2.83 3.96
C ALA B 145 46.61 -3.32 4.14
N ALA B 146 46.18 -4.25 3.30
CA ALA B 146 44.80 -4.73 3.33
C ALA B 146 44.70 -6.23 3.60
N LEU B 147 43.70 -6.60 4.40
CA LEU B 147 43.42 -8.00 4.69
C LEU B 147 41.93 -8.19 4.96
N GLY B 148 41.41 -9.37 4.66
CA GLY B 148 39.99 -9.62 4.85
C GLY B 148 39.60 -11.08 4.93
N CYS B 149 38.29 -11.33 4.92
CA CYS B 149 37.75 -12.69 4.97
C CYS B 149 36.72 -12.89 3.87
N LEU B 150 36.86 -14.00 3.14
CA LEU B 150 35.91 -14.35 2.10
C LEU B 150 34.88 -15.35 2.61
N VAL B 151 33.63 -14.91 2.71
CA VAL B 151 32.56 -15.76 3.19
C VAL B 151 31.77 -16.32 2.01
N LYS B 152 32.08 -17.55 1.63
CA LYS B 152 31.49 -18.16 0.44
C LYS B 152 30.50 -19.28 0.73
N ASP B 153 29.54 -19.43 -0.16
CA ASP B 153 28.61 -20.57 -0.16
C ASP B 153 27.82 -20.73 1.13
N TYR B 154 26.97 -19.77 1.44
CA TYR B 154 26.06 -19.88 2.57
C TYR B 154 24.62 -19.60 2.16
N PHE B 155 23.69 -20.16 2.91
CA PHE B 155 22.27 -19.99 2.63
C PHE B 155 21.45 -20.34 3.87
N PRO B 156 20.47 -19.49 4.20
CA PRO B 156 20.16 -18.27 3.48
C PRO B 156 20.84 -17.05 4.10
N GLU B 157 20.41 -15.87 3.70
CA GLU B 157 20.84 -14.62 4.30
C GLU B 157 20.38 -14.56 5.76
N PRO B 158 21.09 -13.79 6.61
CA PRO B 158 22.33 -13.07 6.31
C PRO B 158 23.50 -13.58 7.13
N VAL B 159 24.64 -12.89 6.99
CA VAL B 159 25.80 -13.16 7.83
C VAL B 159 26.29 -11.85 8.44
N THR B 160 26.87 -11.93 9.63
CA THR B 160 27.43 -10.76 10.29
C THR B 160 28.93 -10.94 10.48
N VAL B 161 29.69 -9.88 10.24
CA VAL B 161 31.14 -9.95 10.39
C VAL B 161 31.68 -8.83 11.27
N SER B 162 32.42 -9.20 12.30
CA SER B 162 33.13 -8.24 13.12
C SER B 162 34.60 -8.65 13.21
N TRP B 163 35.45 -7.73 13.64
CA TRP B 163 36.89 -8.01 13.74
C TRP B 163 37.41 -7.83 15.16
N ASN B 164 38.15 -8.83 15.64
CA ASN B 164 38.68 -8.84 17.01
C ASN B 164 37.59 -8.65 18.05
N SER B 165 36.50 -9.40 17.91
CA SER B 165 35.36 -9.35 18.82
C SER B 165 34.76 -7.96 18.93
N GLY B 166 34.85 -7.19 17.86
CA GLY B 166 34.27 -5.85 17.80
C GLY B 166 35.21 -4.75 18.22
N ALA B 167 36.40 -5.13 18.68
CA ALA B 167 37.39 -4.16 19.13
C ALA B 167 38.07 -3.45 17.96
N LEU B 168 37.79 -3.91 16.75
CA LEU B 168 38.37 -3.34 15.55
C LEU B 168 37.29 -2.97 14.55
N THR B 169 37.07 -1.67 14.36
CA THR B 169 36.08 -1.18 13.41
C THR B 169 36.72 -0.25 12.40
N SER B 170 37.91 0.26 12.73
CA SER B 170 38.59 1.23 11.88
C SER B 170 39.07 0.60 10.57
N GLY B 171 38.60 1.16 9.45
CA GLY B 171 39.01 0.71 8.14
C GLY B 171 38.29 -0.54 7.68
N VAL B 172 37.30 -0.97 8.45
CA VAL B 172 36.54 -2.17 8.12
C VAL B 172 35.44 -1.86 7.11
N HIS B 173 35.36 -2.68 6.06
CA HIS B 173 34.31 -2.54 5.06
C HIS B 173 33.67 -3.89 4.77
N THR B 174 32.53 -4.15 5.40
CA THR B 174 31.78 -5.37 5.09
C THR B 174 30.83 -5.10 3.93
N PHE B 175 31.08 -5.75 2.80
CA PHE B 175 30.33 -5.50 1.58
C PHE B 175 28.97 -6.20 1.58
N PRO B 176 27.98 -5.59 0.90
CA PRO B 176 26.68 -6.24 0.68
C PRO B 176 26.85 -7.57 -0.03
N ALA B 177 26.21 -8.61 0.49
CA ALA B 177 26.32 -9.96 -0.08
C ALA B 177 25.80 -10.00 -1.51
N VAL B 178 26.17 -11.05 -2.23
CA VAL B 178 25.70 -11.24 -3.59
C VAL B 178 25.22 -12.68 -3.76
N LEU B 179 24.32 -12.89 -4.70
CA LEU B 179 23.78 -14.23 -4.94
C LEU B 179 24.43 -14.85 -6.16
N GLN B 180 25.27 -15.85 -5.93
CA GLN B 180 25.95 -16.57 -7.00
C GLN B 180 24.94 -17.38 -7.81
N SER B 181 25.34 -17.78 -9.02
CA SER B 181 24.46 -18.54 -9.90
C SER B 181 24.19 -19.94 -9.36
N SER B 182 25.03 -20.38 -8.43
CA SER B 182 24.86 -21.69 -7.81
C SER B 182 23.69 -21.70 -6.84
N GLY B 183 23.13 -20.53 -6.56
CA GLY B 183 22.00 -20.42 -5.67
C GLY B 183 22.40 -20.01 -4.26
N LEU B 184 23.70 -20.04 -3.99
CA LEU B 184 24.21 -19.69 -2.67
C LEU B 184 24.70 -18.24 -2.63
N TYR B 185 24.83 -17.70 -1.43
CA TYR B 185 25.30 -16.33 -1.25
C TYR B 185 26.81 -16.29 -0.98
N SER B 186 27.40 -15.12 -1.20
CA SER B 186 28.81 -14.90 -0.90
C SER B 186 29.03 -13.46 -0.44
N LEU B 187 29.93 -13.29 0.53
CA LEU B 187 30.18 -11.97 1.10
C LEU B 187 31.66 -11.75 1.38
N SER B 188 32.13 -10.54 1.13
CA SER B 188 33.51 -10.18 1.40
C SER B 188 33.58 -9.08 2.46
N SER B 189 34.45 -9.28 3.46
CA SER B 189 34.67 -8.27 4.49
C SER B 189 36.17 -8.04 4.68
N VAL B 190 36.62 -6.84 4.34
CA VAL B 190 38.04 -6.51 4.44
C VAL B 190 38.30 -5.42 5.47
N VAL B 191 39.55 -5.30 5.90
CA VAL B 191 39.95 -4.25 6.82
C VAL B 191 41.40 -3.83 6.55
N THR B 192 41.59 -2.53 6.34
CA THR B 192 42.93 -2.00 6.08
C THR B 192 43.61 -1.63 7.39
N VAL B 193 44.84 -2.11 7.56
CA VAL B 193 45.62 -1.84 8.76
C VAL B 193 47.03 -1.40 8.37
N PRO B 194 47.69 -0.61 9.25
CA PRO B 194 49.08 -0.22 9.03
C PRO B 194 49.99 -1.46 8.90
N SER B 195 50.96 -1.39 8.00
CA SER B 195 51.83 -2.52 7.71
C SER B 195 52.65 -2.97 8.91
N SER B 196 53.13 -1.99 9.68
CA SER B 196 53.97 -2.26 10.84
C SER B 196 53.23 -3.07 11.92
N SER B 197 51.90 -3.06 11.86
CA SER B 197 51.07 -3.77 12.82
C SER B 197 51.06 -5.28 12.57
N LEU B 198 51.37 -5.67 11.33
CA LEU B 198 51.36 -7.07 10.94
C LEU B 198 52.38 -7.89 11.73
N GLY B 199 52.02 -9.14 12.02
CA GLY B 199 52.88 -10.02 12.79
C GLY B 199 52.82 -9.75 14.28
N THR B 200 52.84 -8.46 14.64
CA THR B 200 52.77 -8.06 16.04
C THR B 200 51.33 -8.09 16.54
N GLN B 201 50.39 -7.74 15.67
CA GLN B 201 48.98 -7.69 16.05
C GLN B 201 48.17 -8.74 15.30
N THR B 202 47.33 -9.46 16.05
CA THR B 202 46.50 -10.52 15.47
C THR B 202 45.18 -9.96 14.94
N TYR B 203 44.77 -10.43 13.76
CA TYR B 203 43.51 -10.02 13.17
C TYR B 203 42.59 -11.20 12.91
N ILE B 204 41.44 -11.21 13.58
CA ILE B 204 40.47 -12.29 13.44
C ILE B 204 39.09 -11.75 13.09
N CYS B 205 38.51 -12.27 12.02
CA CYS B 205 37.15 -11.88 11.66
C CYS B 205 36.14 -12.84 12.29
N ASN B 206 35.11 -12.26 12.92
CA ASN B 206 34.09 -13.05 13.57
C ASN B 206 32.84 -13.16 12.71
N VAL B 207 32.62 -14.35 12.16
CA VAL B 207 31.47 -14.57 11.28
C VAL B 207 30.37 -15.33 12.00
N ASN B 208 29.16 -14.78 11.95
CA ASN B 208 28.00 -15.43 12.56
C ASN B 208 26.92 -15.70 11.52
N HIS B 209 26.48 -16.94 11.44
CA HIS B 209 25.38 -17.30 10.54
C HIS B 209 24.29 -18.01 11.33
N LYS B 210 23.44 -17.20 11.97
CA LYS B 210 22.34 -17.70 12.79
C LYS B 210 21.39 -18.73 12.13
N PRO B 211 21.08 -18.57 10.82
CA PRO B 211 20.23 -19.58 10.19
C PRO B 211 20.73 -21.01 10.28
N SER B 212 22.05 -21.19 10.49
CA SER B 212 22.61 -22.52 10.64
C SER B 212 23.37 -22.65 11.96
N ASN B 213 23.19 -21.66 12.83
CA ASN B 213 23.88 -21.60 14.13
C ASN B 213 25.38 -21.78 14.01
N THR B 214 25.98 -21.05 13.07
CA THR B 214 27.40 -21.17 12.79
C THR B 214 28.17 -19.95 13.29
N LYS B 215 29.19 -20.18 14.09
CA LYS B 215 30.08 -19.12 14.54
C LYS B 215 31.52 -19.47 14.18
N VAL B 216 32.16 -18.61 13.38
CA VAL B 216 33.51 -18.89 12.90
C VAL B 216 34.53 -17.81 13.30
N ASP B 217 35.61 -18.23 13.95
CA ASP B 217 36.70 -17.33 14.30
C ASP B 217 37.88 -17.56 13.38
N LYS B 218 37.96 -16.77 12.33
CA LYS B 218 38.99 -16.93 11.30
C LYS B 218 40.18 -16.00 11.53
N LYS B 219 41.33 -16.58 11.86
CA LYS B 219 42.55 -15.80 12.02
C LYS B 219 43.21 -15.57 10.66
N VAL B 220 43.40 -14.31 10.31
CA VAL B 220 44.02 -13.95 9.03
C VAL B 220 45.45 -13.44 9.24
N GLU B 221 46.41 -14.13 8.64
CA GLU B 221 47.81 -13.72 8.75
C GLU B 221 48.50 -13.82 7.39
N PRO B 222 49.48 -12.94 7.13
CA PRO B 222 50.17 -12.88 5.84
C PRO B 222 50.94 -14.16 5.50
N LYS B 223 50.91 -14.53 4.22
CA LYS B 223 51.68 -15.68 3.74
C LYS B 223 53.17 -15.33 3.74
N SER B 224 54.01 -16.30 4.09
CA SER B 224 55.45 -16.09 4.11
C SER B 224 55.98 -15.80 2.71
N ASP C 1 -1.82 2.83 -16.18
CA ASP C 1 -0.61 3.34 -15.55
C ASP C 1 -0.53 4.87 -15.60
N ILE C 2 0.28 5.44 -14.73
CA ILE C 2 0.57 6.87 -14.76
C ILE C 2 2.06 7.05 -14.96
N GLN C 3 2.44 7.62 -16.09
CA GLN C 3 3.86 7.75 -16.46
C GLN C 3 4.63 8.61 -15.47
N MET C 4 5.70 8.06 -14.92
CA MET C 4 6.51 8.78 -13.93
C MET C 4 7.97 8.93 -14.38
N THR C 5 8.47 10.17 -14.32
CA THR C 5 9.83 10.46 -14.76
C THR C 5 10.52 11.38 -13.76
N GLN C 6 11.74 11.00 -13.37
CA GLN C 6 12.53 11.82 -12.44
C GLN C 6 13.85 12.24 -13.08
N SER C 7 14.23 13.48 -12.84
CA SER C 7 15.47 14.03 -13.41
C SER C 7 16.20 14.88 -12.39
N PRO C 8 17.52 14.68 -12.26
CA PRO C 8 18.30 13.68 -13.00
C PRO C 8 18.19 12.30 -12.36
N SER C 9 18.86 11.32 -12.95
CA SER C 9 18.85 9.96 -12.42
C SER C 9 19.63 9.89 -11.11
N SER C 10 20.74 10.61 -11.06
CA SER C 10 21.56 10.69 -9.87
C SER C 10 22.03 12.13 -9.64
N LEU C 11 22.36 12.46 -8.41
CA LEU C 11 22.71 13.84 -8.07
C LEU C 11 23.76 13.90 -6.96
N SER C 12 24.73 14.80 -7.13
CA SER C 12 25.79 14.99 -6.13
C SER C 12 25.85 16.44 -5.67
N ALA C 13 26.10 16.64 -4.39
CA ALA C 13 26.24 17.98 -3.83
C ALA C 13 26.99 17.94 -2.51
N SER C 14 27.72 19.01 -2.20
CA SER C 14 28.48 19.09 -0.96
C SER C 14 27.56 19.34 0.22
N VAL C 15 28.07 19.05 1.43
CA VAL C 15 27.27 19.20 2.64
C VAL C 15 26.88 20.65 2.90
N GLY C 16 25.57 20.89 3.00
CA GLY C 16 25.06 22.22 3.27
C GLY C 16 24.56 22.94 2.03
N ASP C 17 24.61 22.24 0.90
CA ASP C 17 24.15 22.81 -0.37
C ASP C 17 22.68 22.49 -0.64
N ARG C 18 22.10 23.21 -1.60
CA ARG C 18 20.71 23.01 -1.96
C ARG C 18 20.58 22.02 -3.11
N VAL C 19 19.58 21.14 -3.03
CA VAL C 19 19.36 20.13 -4.05
C VAL C 19 17.89 20.06 -4.45
N THR C 20 17.63 20.18 -5.75
CA THR C 20 16.27 20.08 -6.26
C THR C 20 16.10 18.84 -7.13
N ILE C 21 15.09 18.05 -6.84
CA ILE C 21 14.80 16.84 -7.61
C ILE C 21 13.50 17.00 -8.38
N ASN C 22 13.56 16.78 -9.68
CA ASN C 22 12.41 16.98 -10.55
C ASN C 22 11.60 15.71 -10.77
N CYS C 23 10.29 15.86 -10.96
CA CYS C 23 9.41 14.74 -11.23
C CYS C 23 8.34 15.12 -12.24
N GLN C 24 8.30 14.42 -13.37
CA GLN C 24 7.31 14.68 -14.41
C GLN C 24 6.16 13.68 -14.37
N ALA C 25 5.04 14.05 -14.97
CA ALA C 25 3.86 13.20 -15.00
C ALA C 25 3.34 13.04 -16.42
N GLY C 26 2.89 11.82 -16.74
CA GLY C 26 2.35 11.54 -18.05
C GLY C 26 0.97 12.14 -18.24
N GLN C 27 0.36 12.56 -17.14
CA GLN C 27 -0.98 13.16 -17.17
C GLN C 27 -1.21 14.04 -15.95
N GLY C 28 -2.33 14.77 -15.95
CA GLY C 28 -2.66 15.67 -14.86
C GLY C 28 -2.86 14.95 -13.54
N ILE C 29 -2.31 15.54 -12.48
CA ILE C 29 -2.35 14.93 -11.15
C ILE C 29 -2.89 15.91 -10.11
N GLY C 30 -2.68 17.20 -10.35
CA GLY C 30 -3.07 18.20 -9.38
C GLY C 30 -2.03 18.28 -8.28
N SER C 31 -2.39 17.80 -7.09
CA SER C 31 -1.48 17.82 -5.95
C SER C 31 -1.33 16.43 -5.36
N SER C 32 -1.81 15.42 -6.07
CA SER C 32 -1.85 14.06 -5.56
C SER C 32 -0.51 13.34 -5.62
N LEU C 33 0.59 14.10 -5.51
CA LEU C 33 1.92 13.52 -5.58
C LEU C 33 2.64 13.55 -4.24
N ASN C 34 3.24 12.43 -3.88
CA ASN C 34 3.98 12.32 -2.62
C ASN C 34 5.45 12.01 -2.85
N TRP C 35 6.28 12.33 -1.86
CA TRP C 35 7.71 12.03 -1.94
C TRP C 35 8.15 11.07 -0.84
N TYR C 36 9.03 10.14 -1.20
CA TYR C 36 9.52 9.16 -0.25
C TYR C 36 11.04 9.06 -0.29
N GLN C 37 11.65 8.81 0.87
CA GLN C 37 13.08 8.58 0.97
C GLN C 37 13.34 7.09 1.13
N LYS C 38 14.26 6.55 0.34
CA LYS C 38 14.53 5.13 0.38
C LYS C 38 16.02 4.83 0.56
N LYS C 39 16.35 4.18 1.66
CA LYS C 39 17.71 3.71 1.89
C LYS C 39 17.74 2.20 1.82
N PRO C 40 18.88 1.62 1.42
CA PRO C 40 19.00 0.16 1.37
C PRO C 40 18.84 -0.47 2.74
N GLY C 41 17.98 -1.49 2.84
CA GLY C 41 17.76 -2.20 4.08
C GLY C 41 16.76 -1.51 4.98
N ARG C 42 16.28 -0.35 4.54
CA ARG C 42 15.32 0.44 5.30
C ARG C 42 14.02 0.58 4.54
N ALA C 43 12.92 0.74 5.27
CA ALA C 43 11.62 0.94 4.66
C ALA C 43 11.53 2.36 4.08
N PRO C 44 10.66 2.55 3.06
CA PRO C 44 10.42 3.88 2.52
C PRO C 44 9.92 4.85 3.59
N LYS C 45 10.21 6.13 3.40
CA LYS C 45 9.92 7.14 4.41
C LYS C 45 9.25 8.36 3.78
N LEU C 46 8.01 8.60 4.18
CA LEU C 46 7.24 9.71 3.62
C LEU C 46 7.80 11.06 4.05
N LEU C 47 8.14 11.89 3.07
CA LEU C 47 8.72 13.20 3.34
C LEU C 47 7.71 14.30 3.07
N VAL C 48 7.09 14.26 1.90
CA VAL C 48 6.14 15.27 1.50
C VAL C 48 4.90 14.63 0.88
N HIS C 49 3.74 14.96 1.41
CA HIS C 49 2.48 14.50 0.85
C HIS C 49 1.67 15.68 0.35
N GLY C 50 0.72 15.43 -0.55
CA GLY C 50 -0.09 16.49 -1.10
C GLY C 50 0.74 17.53 -1.83
N ALA C 51 1.74 17.06 -2.56
CA ALA C 51 2.62 17.90 -3.36
C ALA C 51 3.53 18.84 -2.56
N SER C 52 2.97 19.56 -1.60
CA SER C 52 3.73 20.60 -0.90
C SER C 52 3.73 20.48 0.63
N ASN C 53 2.90 19.60 1.17
CA ASN C 53 2.81 19.45 2.62
C ASN C 53 3.87 18.53 3.21
N LEU C 54 4.59 19.05 4.21
CA LEU C 54 5.66 18.30 4.86
C LEU C 54 5.12 17.31 5.88
N GLN C 55 5.57 16.06 5.78
CA GLN C 55 5.17 15.01 6.71
C GLN C 55 5.67 15.32 8.12
N ARG C 56 4.84 15.04 9.12
CA ARG C 56 5.19 15.26 10.52
C ARG C 56 6.43 14.46 10.93
N GLY C 57 7.37 15.15 11.56
CA GLY C 57 8.59 14.51 12.01
C GLY C 57 9.78 14.80 11.10
N VAL C 58 9.49 14.98 9.83
CA VAL C 58 10.51 15.30 8.84
C VAL C 58 11.03 16.73 9.02
N PRO C 59 12.37 16.89 9.06
CA PRO C 59 12.99 18.20 9.22
C PRO C 59 12.58 19.17 8.11
N SER C 60 12.51 20.45 8.44
CA SER C 60 12.00 21.47 7.52
C SER C 60 12.96 21.78 6.37
N ARG C 61 14.12 21.13 6.35
CA ARG C 61 15.08 21.33 5.27
C ARG C 61 14.52 20.75 3.97
N PHE C 62 13.59 19.80 4.11
CA PHE C 62 12.91 19.20 2.97
C PHE C 62 11.72 20.07 2.55
N SER C 63 11.55 20.23 1.24
CA SER C 63 10.50 21.09 0.72
C SER C 63 9.87 20.50 -0.54
N GLY C 64 8.55 20.56 -0.62
CA GLY C 64 7.85 20.07 -1.78
C GLY C 64 7.09 21.16 -2.50
N SER C 65 7.03 21.06 -3.82
CA SER C 65 6.30 22.03 -4.64
C SER C 65 5.95 21.43 -6.00
N GLY C 66 4.84 21.88 -6.58
CA GLY C 66 4.44 21.42 -7.90
C GLY C 66 2.95 21.23 -8.08
N PHE C 67 2.53 21.16 -9.34
CA PHE C 67 1.12 21.00 -9.68
C PHE C 67 0.98 20.46 -11.10
N HIS C 68 -0.12 19.76 -11.35
CA HIS C 68 -0.44 19.23 -12.67
C HIS C 68 0.58 18.21 -13.16
N THR C 69 1.64 18.69 -13.80
CA THR C 69 2.65 17.81 -14.39
C THR C 69 4.03 17.98 -13.73
N THR C 70 4.39 19.23 -13.44
CA THR C 70 5.69 19.54 -12.87
C THR C 70 5.69 19.44 -11.34
N PHE C 71 6.67 18.73 -10.80
CA PHE C 71 6.81 18.59 -9.35
C PHE C 71 8.28 18.59 -8.93
N THR C 72 8.55 19.16 -7.76
CA THR C 72 9.93 19.32 -7.31
C THR C 72 10.12 19.14 -5.81
N LEU C 73 11.06 18.28 -5.43
CA LEU C 73 11.46 18.13 -4.04
C LEU C 73 12.77 18.86 -3.81
N THR C 74 12.81 19.72 -2.79
CA THR C 74 13.99 20.54 -2.54
C THR C 74 14.57 20.29 -1.16
N ILE C 75 15.90 20.14 -1.10
CA ILE C 75 16.59 20.02 0.17
C ILE C 75 17.46 21.25 0.39
N SER C 76 17.07 22.08 1.35
CA SER C 76 17.71 23.37 1.56
C SER C 76 19.17 23.26 2.01
N SER C 77 19.44 22.31 2.89
CA SER C 77 20.79 22.10 3.40
C SER C 77 21.11 20.61 3.44
N LEU C 78 21.94 20.14 2.51
CA LEU C 78 22.22 18.72 2.38
C LEU C 78 23.04 18.18 3.55
N GLN C 79 22.54 17.11 4.16
CA GLN C 79 23.21 16.45 5.28
C GLN C 79 23.51 14.99 4.93
N PRO C 80 24.57 14.42 5.55
CA PRO C 80 25.00 13.06 5.21
C PRO C 80 23.95 11.97 5.42
N ASP C 81 22.93 12.25 6.21
CA ASP C 81 21.87 11.26 6.43
C ASP C 81 20.78 11.40 5.38
N ASP C 82 21.01 12.26 4.39
CA ASP C 82 20.08 12.43 3.29
C ASP C 82 20.54 11.65 2.06
N VAL C 83 21.61 10.88 2.23
CA VAL C 83 22.10 10.01 1.17
C VAL C 83 21.15 8.85 0.97
N ALA C 84 20.32 8.94 -0.07
CA ALA C 84 19.32 7.92 -0.35
C ALA C 84 18.75 8.12 -1.74
N THR C 85 17.96 7.15 -2.18
CA THR C 85 17.19 7.31 -3.40
C THR C 85 15.85 7.95 -3.04
N TYR C 86 15.46 8.97 -3.79
CA TYR C 86 14.22 9.68 -3.53
C TYR C 86 13.19 9.40 -4.62
N PHE C 87 11.99 9.04 -4.21
CA PHE C 87 10.93 8.67 -5.14
C PHE C 87 9.73 9.62 -5.06
N CYS C 88 9.24 10.03 -6.21
CA CYS C 88 7.94 10.69 -6.29
C CYS C 88 6.92 9.61 -6.65
N ALA C 89 5.74 9.68 -6.03
CA ALA C 89 4.75 8.63 -6.21
C ALA C 89 3.31 9.13 -6.28
N VAL C 90 2.52 8.47 -7.11
CA VAL C 90 1.09 8.76 -7.25
C VAL C 90 0.34 7.46 -7.04
N PHE C 91 -0.38 7.35 -5.92
CA PHE C 91 -1.05 6.12 -5.55
C PHE C 91 -0.09 4.95 -5.53
N GLN C 92 -0.27 4.03 -6.46
CA GLN C 92 0.54 2.83 -6.52
C GLN C 92 1.64 2.95 -7.57
N TRP C 93 1.73 4.12 -8.19
CA TRP C 93 2.70 4.39 -9.22
C TRP C 93 3.92 5.12 -8.66
N PHE C 94 5.09 4.48 -8.77
CA PHE C 94 6.33 5.06 -8.27
C PHE C 94 7.23 5.51 -9.41
N GLY C 95 7.96 6.60 -9.20
CA GLY C 95 8.90 7.09 -10.18
C GLY C 95 10.14 6.23 -10.22
N PRO C 96 11.00 6.43 -11.24
CA PRO C 96 12.24 5.66 -11.38
C PRO C 96 13.19 5.89 -10.22
N GLY C 97 13.18 7.11 -9.66
CA GLY C 97 14.01 7.41 -8.51
C GLY C 97 15.19 8.31 -8.84
N THR C 98 15.81 8.85 -7.81
CA THR C 98 16.96 9.74 -7.97
C THR C 98 17.95 9.55 -6.83
N LYS C 99 19.11 8.95 -7.13
CA LYS C 99 20.14 8.75 -6.14
C LYS C 99 20.80 10.07 -5.79
N VAL C 100 21.08 10.27 -4.50
CA VAL C 100 21.71 11.49 -4.03
C VAL C 100 22.80 11.18 -3.01
N ASP C 101 24.02 11.61 -3.30
CA ASP C 101 25.12 11.46 -2.34
C ASP C 101 25.80 12.79 -2.05
N ILE C 102 26.73 12.77 -1.12
CA ILE C 102 27.50 13.97 -0.79
C ILE C 102 28.69 14.09 -1.73
N LYS C 103 28.85 15.27 -2.33
CA LYS C 103 29.94 15.51 -3.26
C LYS C 103 31.25 15.78 -2.52
N ARG C 104 32.32 15.17 -3.02
CA ARG C 104 33.64 15.29 -2.42
C ARG C 104 34.63 15.54 -3.54
N THR C 105 35.74 16.21 -3.23
CA THR C 105 36.82 16.32 -4.21
C THR C 105 37.28 14.92 -4.60
N VAL C 106 37.59 14.73 -5.87
CA VAL C 106 37.87 13.41 -6.43
C VAL C 106 38.98 12.68 -5.68
N ALA C 107 38.73 11.42 -5.32
CA ALA C 107 39.69 10.62 -4.58
C ALA C 107 39.94 9.27 -5.27
N ALA C 108 41.19 9.05 -5.66
CA ALA C 108 41.59 7.82 -6.32
C ALA C 108 41.49 6.62 -5.40
N PRO C 109 41.02 5.48 -5.94
CA PRO C 109 40.85 4.26 -5.15
C PRO C 109 42.16 3.54 -4.87
N SER C 110 42.31 3.02 -3.66
CA SER C 110 43.44 2.17 -3.32
C SER C 110 43.13 0.75 -3.81
N VAL C 111 44.00 0.22 -4.67
CA VAL C 111 43.74 -1.09 -5.26
C VAL C 111 44.55 -2.20 -4.60
N PHE C 112 43.87 -3.28 -4.24
CA PHE C 112 44.51 -4.44 -3.65
C PHE C 112 43.99 -5.71 -4.31
N ILE C 113 44.88 -6.67 -4.55
CA ILE C 113 44.47 -7.93 -5.15
C ILE C 113 44.79 -9.11 -4.23
N PHE C 114 43.92 -10.10 -4.24
CA PHE C 114 44.07 -11.27 -3.38
C PHE C 114 43.90 -12.55 -4.17
N PRO C 115 44.98 -13.36 -4.25
CA PRO C 115 44.87 -14.67 -4.89
C PRO C 115 44.07 -15.62 -4.00
N PRO C 116 43.50 -16.68 -4.57
CA PRO C 116 42.74 -17.65 -3.78
C PRO C 116 43.63 -18.33 -2.74
N SER C 117 43.04 -18.69 -1.60
CA SER C 117 43.79 -19.29 -0.50
C SER C 117 44.13 -20.74 -0.78
N ASP C 118 44.93 -21.33 0.12
CA ASP C 118 45.28 -22.74 0.02
C ASP C 118 44.03 -23.58 0.26
N GLU C 119 43.25 -23.17 1.26
CA GLU C 119 42.05 -23.90 1.66
C GLU C 119 41.03 -24.00 0.53
N GLN C 120 40.79 -22.88 -0.14
CA GLN C 120 39.75 -22.83 -1.17
C GLN C 120 40.11 -23.68 -2.38
N LEU C 121 41.40 -23.72 -2.72
CA LEU C 121 41.87 -24.51 -3.85
C LEU C 121 41.75 -26.00 -3.54
N LYS C 122 41.88 -26.36 -2.27
CA LYS C 122 41.74 -27.74 -1.84
C LYS C 122 40.31 -28.22 -2.03
N SER C 123 39.36 -27.28 -2.03
CA SER C 123 37.95 -27.60 -2.23
C SER C 123 37.62 -27.70 -3.72
N GLY C 124 38.47 -27.12 -4.56
CA GLY C 124 38.32 -27.22 -6.00
C GLY C 124 37.83 -25.96 -6.68
N THR C 125 37.74 -24.87 -5.94
CA THR C 125 37.27 -23.61 -6.50
C THR C 125 38.27 -22.48 -6.22
N ALA C 126 38.42 -21.57 -7.18
CA ALA C 126 39.33 -20.44 -7.02
C ALA C 126 38.58 -19.11 -7.05
N SER C 127 38.90 -18.24 -6.11
CA SER C 127 38.31 -16.91 -6.07
C SER C 127 39.38 -15.84 -5.93
N VAL C 128 39.44 -14.94 -6.92
CA VAL C 128 40.37 -13.82 -6.84
C VAL C 128 39.61 -12.54 -6.51
N VAL C 129 40.02 -11.87 -5.45
CA VAL C 129 39.33 -10.67 -4.99
C VAL C 129 40.14 -9.41 -5.27
N CYS C 130 39.49 -8.42 -5.89
CA CYS C 130 40.11 -7.13 -6.13
C CYS C 130 39.43 -6.06 -5.31
N LEU C 131 40.18 -5.38 -4.45
CA LEU C 131 39.64 -4.39 -3.55
C LEU C 131 39.92 -2.96 -3.99
N LEU C 132 38.87 -2.14 -4.06
CA LEU C 132 39.01 -0.72 -4.34
C LEU C 132 38.64 0.06 -3.09
N ASN C 133 39.63 0.69 -2.45
CA ASN C 133 39.41 1.29 -1.15
C ASN C 133 39.27 2.81 -1.15
N ASN C 134 38.17 3.30 -0.58
CA ASN C 134 37.96 4.72 -0.34
C ASN C 134 38.11 5.62 -1.57
N PHE C 135 37.07 5.65 -2.40
CA PHE C 135 37.12 6.47 -3.61
C PHE C 135 35.86 7.30 -3.83
N TYR C 136 36.01 8.40 -4.56
CA TYR C 136 34.88 9.21 -5.01
C TYR C 136 35.27 9.88 -6.33
N PRO C 137 34.32 9.93 -7.29
CA PRO C 137 32.94 9.44 -7.23
C PRO C 137 32.82 7.91 -7.33
N ARG C 138 31.61 7.41 -7.16
CA ARG C 138 31.37 5.97 -7.15
C ARG C 138 31.59 5.30 -8.51
N GLU C 139 31.53 6.09 -9.57
CA GLU C 139 31.68 5.57 -10.93
C GLU C 139 33.07 5.00 -11.18
N ALA C 140 33.20 3.68 -11.00
CA ALA C 140 34.47 3.01 -11.22
C ALA C 140 34.29 1.75 -12.07
N LYS C 141 35.23 1.52 -12.98
CA LYS C 141 35.18 0.35 -13.85
C LYS C 141 36.32 -0.62 -13.55
N VAL C 142 35.96 -1.82 -13.10
CA VAL C 142 36.95 -2.85 -12.83
C VAL C 142 36.91 -3.92 -13.91
N GLN C 143 38.06 -4.16 -14.55
CA GLN C 143 38.16 -5.17 -15.58
C GLN C 143 39.19 -6.23 -15.22
N TRP C 144 38.80 -7.49 -15.39
CA TRP C 144 39.69 -8.61 -15.11
C TRP C 144 40.44 -9.07 -16.36
N LYS C 145 41.74 -9.24 -16.24
CA LYS C 145 42.54 -9.79 -17.31
C LYS C 145 43.23 -11.09 -16.86
N VAL C 146 43.03 -12.15 -17.62
CA VAL C 146 43.66 -13.43 -17.33
C VAL C 146 44.54 -13.84 -18.50
N ASP C 147 45.86 -13.71 -18.31
CA ASP C 147 46.83 -13.86 -19.38
C ASP C 147 46.52 -12.92 -20.54
N ASN C 148 46.40 -11.64 -20.23
CA ASN C 148 46.13 -10.60 -21.22
C ASN C 148 44.80 -10.76 -21.94
N ALA C 149 43.88 -11.48 -21.32
CA ALA C 149 42.56 -11.71 -21.91
C ALA C 149 41.46 -11.16 -21.01
N LEU C 150 40.66 -10.26 -21.56
CA LEU C 150 39.58 -9.62 -20.82
C LEU C 150 38.54 -10.63 -20.37
N GLN C 151 38.14 -10.54 -19.11
CA GLN C 151 37.24 -11.51 -18.52
C GLN C 151 35.92 -10.86 -18.11
N SER C 152 34.81 -11.52 -18.46
CA SER C 152 33.49 -11.00 -18.12
C SER C 152 32.46 -12.13 -18.04
N GLY C 153 31.47 -11.95 -17.17
CA GLY C 153 30.41 -12.94 -17.01
C GLY C 153 30.69 -13.92 -15.90
N ASN C 154 31.92 -13.88 -15.37
CA ASN C 154 32.31 -14.75 -14.27
C ASN C 154 32.80 -13.95 -13.06
N SER C 155 32.46 -12.67 -13.05
CA SER C 155 32.87 -11.78 -11.98
C SER C 155 31.68 -11.06 -11.37
N GLN C 156 31.63 -11.00 -10.04
CA GLN C 156 30.57 -10.29 -9.34
C GLN C 156 31.17 -9.25 -8.41
N GLU C 157 30.68 -8.01 -8.51
CA GLU C 157 31.19 -6.94 -7.68
C GLU C 157 30.13 -6.37 -6.74
N SER C 158 30.59 -5.83 -5.62
CA SER C 158 29.69 -5.23 -4.63
C SER C 158 30.29 -3.93 -4.10
N VAL C 159 29.42 -2.95 -3.84
CA VAL C 159 29.86 -1.65 -3.33
C VAL C 159 29.20 -1.34 -2.00
N THR C 160 29.96 -0.79 -1.07
CA THR C 160 29.41 -0.35 0.21
C THR C 160 28.63 0.95 0.04
N GLU C 161 27.85 1.30 1.06
CA GLU C 161 27.17 2.59 1.07
C GLU C 161 28.22 3.68 1.23
N GLN C 162 27.87 4.91 0.87
CA GLN C 162 28.79 6.02 1.04
C GLN C 162 29.07 6.25 2.51
N ASP C 163 30.33 6.46 2.84
CA ASP C 163 30.73 6.77 4.21
C ASP C 163 30.14 8.11 4.60
N SER C 164 29.63 8.20 5.82
CA SER C 164 29.00 9.43 6.29
C SER C 164 30.03 10.39 6.88
N LYS C 165 31.30 10.02 6.76
CA LYS C 165 32.39 10.79 7.33
C LYS C 165 33.29 11.39 6.26
N ASP C 166 33.90 10.53 5.44
CA ASP C 166 34.78 11.00 4.38
C ASP C 166 34.14 10.95 2.99
N SER C 167 32.89 10.50 2.94
CA SER C 167 32.10 10.49 1.71
C SER C 167 32.74 9.65 0.60
N THR C 168 33.34 8.52 0.97
CA THR C 168 33.98 7.65 0.00
C THR C 168 33.23 6.34 -0.17
N TYR C 169 33.59 5.60 -1.22
CA TYR C 169 33.02 4.29 -1.47
C TYR C 169 34.09 3.21 -1.48
N SER C 170 33.67 1.97 -1.32
CA SER C 170 34.58 0.83 -1.44
C SER C 170 33.93 -0.24 -2.31
N LEU C 171 34.71 -0.81 -3.23
CA LEU C 171 34.18 -1.80 -4.16
C LEU C 171 34.92 -3.13 -4.04
N SER C 172 34.18 -4.23 -4.20
CA SER C 172 34.76 -5.56 -4.09
C SER C 172 34.34 -6.45 -5.25
N SER C 173 35.23 -6.60 -6.22
CA SER C 173 34.96 -7.45 -7.38
C SER C 173 35.62 -8.82 -7.20
N THR C 174 34.83 -9.87 -7.33
CA THR C 174 35.32 -11.23 -7.13
C THR C 174 35.25 -12.05 -8.41
N LEU C 175 36.41 -12.57 -8.83
CA LEU C 175 36.48 -13.44 -9.99
C LEU C 175 36.50 -14.90 -9.54
N THR C 176 35.53 -15.68 -10.01
CA THR C 176 35.41 -17.06 -9.57
C THR C 176 35.61 -18.04 -10.72
N LEU C 177 36.64 -18.88 -10.60
CA LEU C 177 36.92 -19.90 -11.58
C LEU C 177 37.10 -21.25 -10.90
N SER C 178 36.97 -22.33 -11.66
CA SER C 178 37.24 -23.65 -11.13
C SER C 178 38.74 -23.82 -10.97
N LYS C 179 39.15 -24.85 -10.23
CA LYS C 179 40.58 -25.10 -10.01
C LYS C 179 41.28 -25.42 -11.32
N ALA C 180 40.57 -26.15 -12.19
CA ALA C 180 41.11 -26.52 -13.50
C ALA C 180 41.33 -25.30 -14.39
N ASP C 181 40.37 -24.38 -14.38
CA ASP C 181 40.49 -23.15 -15.16
C ASP C 181 41.56 -22.23 -14.58
N TYR C 182 41.80 -22.35 -13.28
CA TYR C 182 42.77 -21.50 -12.61
C TYR C 182 44.21 -21.96 -12.85
N GLU C 183 44.44 -23.26 -12.78
CA GLU C 183 45.78 -23.82 -12.96
C GLU C 183 46.28 -23.65 -14.40
N LYS C 184 45.34 -23.40 -15.32
CA LYS C 184 45.67 -23.26 -16.73
C LYS C 184 46.42 -21.97 -17.05
N HIS C 185 46.07 -20.89 -16.35
CA HIS C 185 46.67 -19.59 -16.63
C HIS C 185 47.63 -19.16 -15.54
N LYS C 186 48.54 -18.24 -15.89
CA LYS C 186 49.57 -17.76 -14.97
C LYS C 186 49.26 -16.37 -14.43
N VAL C 187 49.05 -15.42 -15.34
CA VAL C 187 48.87 -14.02 -14.97
C VAL C 187 47.41 -13.64 -14.71
N TYR C 188 47.15 -13.11 -13.53
CA TYR C 188 45.82 -12.66 -13.16
C TYR C 188 45.82 -11.18 -12.78
N ALA C 189 45.24 -10.35 -13.63
CA ALA C 189 45.30 -8.91 -13.46
C ALA C 189 43.96 -8.26 -13.18
N CYS C 190 44.00 -7.15 -12.45
CA CYS C 190 42.81 -6.38 -12.13
C CYS C 190 42.99 -4.93 -12.54
N GLU C 191 42.45 -4.56 -13.69
CA GLU C 191 42.58 -3.20 -14.20
C GLU C 191 41.47 -2.30 -13.66
N VAL C 192 41.87 -1.19 -13.03
CA VAL C 192 40.92 -0.27 -12.43
C VAL C 192 40.93 1.07 -13.14
N THR C 193 39.76 1.56 -13.53
CA THR C 193 39.63 2.84 -14.19
C THR C 193 38.74 3.78 -13.39
N HIS C 194 39.32 4.90 -12.96
CA HIS C 194 38.59 5.86 -12.13
C HIS C 194 38.92 7.29 -12.56
N GLN C 195 38.02 8.22 -12.25
CA GLN C 195 38.20 9.62 -12.62
C GLN C 195 39.45 10.22 -11.96
N GLY C 196 39.78 9.74 -10.77
CA GLY C 196 40.95 10.21 -10.05
C GLY C 196 42.23 9.58 -10.56
N LEU C 197 42.11 8.73 -11.57
CA LEU C 197 43.27 8.07 -12.17
C LEU C 197 43.49 8.56 -13.59
N ARG C 198 44.64 9.19 -13.82
CA ARG C 198 45.00 9.65 -15.17
C ARG C 198 45.23 8.44 -16.06
N SER C 199 45.88 7.42 -15.51
CA SER C 199 46.10 6.17 -16.22
C SER C 199 45.51 5.03 -15.40
N PRO C 200 44.82 4.09 -16.08
CA PRO C 200 44.17 2.94 -15.43
C PRO C 200 45.18 2.06 -14.70
N VAL C 201 44.96 1.88 -13.40
CA VAL C 201 45.86 1.08 -12.57
C VAL C 201 45.61 -0.40 -12.73
N THR C 202 46.68 -1.17 -12.93
CA THR C 202 46.56 -2.61 -13.05
C THR C 202 47.44 -3.32 -12.02
N LYS C 203 46.80 -3.89 -11.01
CA LYS C 203 47.50 -4.68 -10.01
C LYS C 203 47.31 -6.17 -10.28
N SER C 204 48.42 -6.87 -10.50
CA SER C 204 48.37 -8.27 -10.90
C SER C 204 49.29 -9.16 -10.08
N PHE C 205 49.28 -10.46 -10.40
CA PHE C 205 50.18 -11.42 -9.79
C PHE C 205 50.33 -12.64 -10.69
N ASN C 206 51.33 -13.47 -10.40
CA ASN C 206 51.50 -14.73 -11.11
C ASN C 206 51.13 -15.88 -10.19
N ARG C 207 50.49 -16.92 -10.77
CA ARG C 207 50.07 -18.07 -10.00
C ARG C 207 51.26 -18.78 -9.35
N GLY C 208 51.31 -18.74 -8.01
CA GLY C 208 52.40 -19.34 -7.27
C GLY C 208 52.96 -18.42 -6.20
#